data_3R1Z
#
_entry.id   3R1Z
#
_cell.length_a   121.190
_cell.length_b   121.190
_cell.length_c   149.020
_cell.angle_alpha   90.000
_cell.angle_beta   90.000
_cell.angle_gamma   90.000
#
_symmetry.space_group_name_H-M   'P 41 21 2'
#
loop_
_entity.id
_entity.type
_entity.pdbx_description
1 polymer 'Enzyme of enolase superfamily'
2 non-polymer ALANINE
3 non-polymer 'GLUTAMIC ACID'
4 non-polymer 'SULFATE ION'
5 non-polymer GLYCEROL
6 non-polymer 'D-GLUTAMIC ACID'
7 water water
#
_entity_poly.entity_id   1
_entity_poly.type   'polypeptide(L)'
_entity_poly.pdbx_seq_one_letter_code
;(MSE)VSKIIDIKTSIIKIPLKRTFITAVRSTNHIDSLAVELTLDNGVKGYGVAPATTAITGDTLQG(MSE)QYIIREIF
APVILGSDLSDYKQTLELAFKKV(MSE)FNSAAK(MSE)AIDLAYHDLLAKEQDISVAKLLGAKANSIVTDVSISCGNVA
ETIQNIQNGVEANFTAIKVKTGADFNRDIQLLKALDNEFSKNIKFRFDANQGWNLAQTKQFIEEINKYSLNVEIIEQPVK
YYDIKA(MSE)AEITKFSNIPVVADESVFDAKDAERVIDEQACN(MSE)INIKLAKTGGILEAQKIKKLADSAGISC
(MSE)VGC(MSE)(MSE)ESPAGILATASFALAEDITVADLDPLDWVAKDLYSDYITFNEPNIILKDNLKGFGFNLAENL
YFQSHHHHHHWSHPQFEK
;
_entity_poly.pdbx_strand_id   A,B
#
loop_
_chem_comp.id
_chem_comp.type
_chem_comp.name
_chem_comp.formula
GOL non-polymer GLYCEROL 'C3 H8 O3'
SO4 non-polymer 'SULFATE ION' 'O4 S -2'
#
# COMPACT_ATOMS: atom_id res chain seq x y z
N VAL A 2 -20.88 27.84 12.68
CA VAL A 2 -20.11 26.99 11.78
C VAL A 2 -20.71 25.60 11.75
N SER A 3 -20.57 24.91 10.62
CA SER A 3 -21.08 23.55 10.50
C SER A 3 -20.03 22.54 10.98
N LYS A 4 -20.48 21.52 11.72
CA LYS A 4 -19.59 20.46 12.19
C LYS A 4 -20.10 19.10 11.73
N ILE A 5 -19.21 18.15 11.51
CA ILE A 5 -19.66 16.82 11.11
C ILE A 5 -19.98 16.04 12.37
N ILE A 6 -21.26 15.70 12.53
CA ILE A 6 -21.70 14.90 13.67
C ILE A 6 -22.04 13.40 13.49
N ASP A 7 -22.01 12.90 12.25
CA ASP A 7 -22.31 11.48 12.01
C ASP A 7 -21.60 10.97 10.77
N ILE A 8 -21.24 9.69 10.81
CA ILE A 8 -20.60 8.99 9.68
C ILE A 8 -21.20 7.61 9.58
N LYS A 9 -21.69 7.27 8.39
CA LYS A 9 -22.21 5.94 8.13
C LYS A 9 -21.54 5.37 6.89
N THR A 10 -21.49 4.05 6.80
CA THR A 10 -20.98 3.40 5.60
C THR A 10 -21.96 2.35 5.11
N SER A 11 -21.89 2.07 3.81
CA SER A 11 -22.75 1.05 3.24
C SER A 11 -22.03 0.39 2.09
N ILE A 12 -22.18 -0.93 2.00
CA ILE A 12 -21.58 -1.68 0.90
C ILE A 12 -22.56 -1.73 -0.25
N ILE A 13 -22.08 -1.44 -1.45
CA ILE A 13 -22.92 -1.46 -2.63
C ILE A 13 -22.30 -2.37 -3.66
N LYS A 14 -23.09 -3.29 -4.20
CA LYS A 14 -22.59 -4.17 -5.23
C LYS A 14 -23.46 -4.00 -6.46
N ILE A 15 -22.83 -3.91 -7.64
CA ILE A 15 -23.55 -3.67 -8.87
C ILE A 15 -23.12 -4.71 -9.88
N PRO A 16 -24.08 -5.28 -10.64
CA PRO A 16 -23.73 -6.24 -11.70
C PRO A 16 -23.25 -5.56 -12.99
N LEU A 17 -22.30 -6.20 -13.68
CA LEU A 17 -21.88 -5.75 -14.99
C LEU A 17 -22.66 -6.48 -16.09
N LYS A 18 -22.93 -5.77 -17.19
CA LYS A 18 -23.61 -6.33 -18.37
C LYS A 18 -22.83 -7.43 -19.09
N ARG A 19 -21.51 -7.37 -19.00
CA ARG A 19 -20.63 -8.28 -19.70
C ARG A 19 -19.36 -8.41 -18.87
N THR A 20 -18.53 -9.42 -19.15
CA THR A 20 -17.37 -9.73 -18.31
C THR A 20 -16.19 -8.82 -18.57
N PHE A 21 -15.69 -8.21 -17.50
CA PHE A 21 -14.49 -7.37 -17.60
C PHE A 21 -13.28 -8.23 -17.29
N ILE A 22 -12.34 -8.31 -18.23
CA ILE A 22 -11.11 -9.07 -18.02
C ILE A 22 -9.87 -8.35 -18.57
N THR A 23 -8.85 -8.22 -17.72
CA THR A 23 -7.60 -7.56 -18.09
C THR A 23 -6.42 -8.51 -17.83
N ALA A 24 -5.20 -8.02 -18.03
CA ALA A 24 -4.03 -8.79 -17.63
C ALA A 24 -4.10 -9.04 -16.12
N VAL A 25 -4.83 -8.19 -15.41
CA VAL A 25 -4.92 -8.27 -13.96
C VAL A 25 -5.93 -9.31 -13.47
N ARG A 26 -7.19 -9.12 -13.82
CA ARG A 26 -8.25 -9.92 -13.26
C ARG A 26 -9.45 -10.06 -14.20
N SER A 27 -10.45 -10.84 -13.76
CA SER A 27 -11.70 -11.01 -14.49
C SER A 27 -12.90 -10.89 -13.54
N THR A 28 -13.89 -10.08 -13.92
CA THR A 28 -15.03 -9.83 -13.04
C THR A 28 -16.36 -9.56 -13.75
N ASN A 29 -17.45 -10.03 -13.13
CA ASN A 29 -18.82 -9.66 -13.46
C ASN A 29 -19.56 -8.62 -12.59
N HIS A 30 -18.89 -8.05 -11.59
CA HIS A 30 -19.55 -7.12 -10.66
C HIS A 30 -18.62 -6.05 -10.13
N ILE A 31 -19.19 -5.00 -9.55
CA ILE A 31 -18.41 -3.96 -8.88
C ILE A 31 -18.66 -3.98 -7.38
N ASP A 32 -17.59 -3.95 -6.59
CA ASP A 32 -17.70 -3.83 -5.13
C ASP A 32 -17.35 -2.40 -4.77
N SER A 33 -18.26 -1.71 -4.08
CA SER A 33 -18.00 -0.35 -3.62
C SER A 33 -18.36 -0.18 -2.16
N LEU A 34 -17.67 0.73 -1.48
CA LEU A 34 -18.12 1.23 -0.19
C LEU A 34 -18.53 2.69 -0.33
N ALA A 35 -19.67 3.02 0.26
CA ALA A 35 -20.13 4.39 0.26
C ALA A 35 -20.04 4.92 1.67
N VAL A 36 -19.74 6.20 1.80
CA VAL A 36 -19.70 6.83 3.10
C VAL A 36 -20.65 8.02 3.09
N GLU A 37 -21.34 8.22 4.20
CA GLU A 37 -22.23 9.38 4.37
C GLU A 37 -21.77 10.20 5.57
N LEU A 38 -21.52 11.49 5.34
CA LEU A 38 -21.18 12.39 6.42
C LEU A 38 -22.37 13.30 6.66
N THR A 39 -22.75 13.47 7.92
CA THR A 39 -23.88 14.34 8.25
C THR A 39 -23.42 15.53 9.08
N LEU A 40 -23.72 16.74 8.61
CA LEU A 40 -23.50 17.99 9.36
C LEU A 40 -24.56 18.22 10.42
N ASP A 41 -24.26 19.09 11.39
CA ASP A 41 -25.22 19.34 12.47
C ASP A 41 -26.32 20.31 12.03
N ASN A 42 -26.24 20.78 10.78
CA ASN A 42 -27.36 21.52 10.16
C ASN A 42 -28.24 20.61 9.28
N GLY A 43 -27.96 19.31 9.28
CA GLY A 43 -28.77 18.36 8.53
C GLY A 43 -28.30 17.99 7.13
N VAL A 44 -27.36 18.77 6.58
CA VAL A 44 -26.85 18.49 5.24
C VAL A 44 -26.00 17.22 5.22
N LYS A 45 -26.24 16.35 4.25
CA LYS A 45 -25.51 15.08 4.16
C LYS A 45 -24.67 15.04 2.90
N GLY A 46 -23.54 14.33 2.92
CA GLY A 46 -22.79 14.25 1.69
C GLY A 46 -22.16 12.88 1.57
N TYR A 47 -21.86 12.52 0.33
CA TYR A 47 -21.60 11.12 0.01
C TYR A 47 -20.36 10.97 -0.85
N GLY A 48 -19.67 9.86 -0.66
CA GLY A 48 -18.61 9.51 -1.58
C GLY A 48 -18.61 8.01 -1.67
N VAL A 49 -18.12 7.51 -2.79
CA VAL A 49 -18.25 6.10 -3.12
C VAL A 49 -16.95 5.68 -3.78
N ALA A 50 -16.34 4.61 -3.30
CA ALA A 50 -15.03 4.19 -3.79
C ALA A 50 -15.02 2.68 -4.01
N PRO A 51 -14.25 2.21 -5.00
CA PRO A 51 -14.14 0.79 -5.35
C PRO A 51 -13.16 0.03 -4.46
N ALA A 52 -13.31 -1.28 -4.36
CA ALA A 52 -12.25 -2.03 -3.72
C ALA A 52 -11.63 -2.89 -4.78
N THR A 53 -10.53 -2.42 -5.37
CA THR A 53 -9.90 -3.26 -6.38
C THR A 53 -8.63 -3.61 -5.70
N THR A 54 -8.62 -4.81 -5.14
CA THR A 54 -7.59 -5.19 -4.20
C THR A 54 -6.28 -5.43 -4.92
N ALA A 55 -6.37 -5.94 -6.15
CA ALA A 55 -5.16 -6.23 -6.93
C ALA A 55 -4.39 -4.98 -7.32
N ILE A 56 -5.05 -3.83 -7.29
CA ILE A 56 -4.45 -2.57 -7.74
C ILE A 56 -4.12 -1.61 -6.60
N THR A 57 -5.12 -1.23 -5.83
CA THR A 57 -4.89 -0.34 -4.68
C THR A 57 -4.75 -1.06 -3.32
N GLY A 58 -4.96 -2.37 -3.30
CA GLY A 58 -4.93 -3.10 -2.03
C GLY A 58 -6.13 -2.88 -1.11
N ASP A 59 -7.09 -2.06 -1.54
CA ASP A 59 -8.27 -1.84 -0.70
C ASP A 59 -9.19 -3.05 -0.68
N THR A 60 -9.80 -3.30 0.49
CA THR A 60 -10.90 -4.26 0.60
C THR A 60 -12.10 -3.55 1.21
N LEU A 61 -13.30 -4.04 0.93
CA LEU A 61 -14.49 -3.45 1.55
C LEU A 61 -14.36 -3.47 3.07
N GLN A 62 -13.86 -4.60 3.59
CA GLN A 62 -13.82 -4.83 5.02
C GLN A 62 -12.78 -3.92 5.66
N GLY A 63 -11.64 -3.76 4.98
CA GLY A 63 -10.61 -2.83 5.43
C GLY A 63 -11.09 -1.38 5.41
N MSE A 64 -11.73 -0.98 4.32
CA MSE A 64 -12.23 0.39 4.19
C MSE A 64 -13.24 0.71 5.29
O MSE A 64 -13.18 1.78 5.92
CB MSE A 64 -12.86 0.62 2.81
CG MSE A 64 -11.88 0.43 1.66
SE MSE A 64 -12.85 0.01 -0.02
CE MSE A 64 -13.39 1.84 -0.47
N GLN A 65 -14.16 -0.22 5.53
CA GLN A 65 -15.16 -0.06 6.57
C GLN A 65 -14.52 0.21 7.94
N TYR A 66 -13.56 -0.63 8.31
CA TYR A 66 -12.89 -0.49 9.60
C TYR A 66 -12.15 0.83 9.69
N ILE A 67 -11.37 1.14 8.65
CA ILE A 67 -10.59 2.37 8.64
C ILE A 67 -11.50 3.60 8.81
N ILE A 68 -12.58 3.65 8.04
CA ILE A 68 -13.48 4.81 8.12
C ILE A 68 -14.16 4.88 9.51
N ARG A 69 -14.71 3.77 9.97
CA ARG A 69 -15.41 3.78 11.27
C ARG A 69 -14.50 4.02 12.47
N GLU A 70 -13.41 3.27 12.56
CA GLU A 70 -12.57 3.30 13.75
C GLU A 70 -11.31 4.19 13.74
N ILE A 71 -10.87 4.62 12.56
CA ILE A 71 -9.65 5.43 12.46
C ILE A 71 -9.96 6.86 12.06
N PHE A 72 -10.57 7.02 10.90
CA PHE A 72 -10.97 8.34 10.42
C PHE A 72 -12.08 8.99 11.28
N ALA A 73 -13.06 8.21 11.70
CA ALA A 73 -14.25 8.81 12.35
C ALA A 73 -13.92 9.64 13.59
N PRO A 74 -13.07 9.11 14.50
CA PRO A 74 -12.74 9.89 15.70
C PRO A 74 -12.07 11.22 15.38
N VAL A 75 -11.33 11.29 14.29
CA VAL A 75 -10.69 12.54 13.89
C VAL A 75 -11.73 13.51 13.30
N ILE A 76 -12.64 12.98 12.52
CA ILE A 76 -13.63 13.79 11.79
C ILE A 76 -14.79 14.28 12.65
N LEU A 77 -15.33 13.41 13.49
CA LEU A 77 -16.52 13.72 14.27
C LEU A 77 -16.26 14.91 15.22
N GLY A 78 -17.14 15.91 15.15
CA GLY A 78 -17.02 17.09 15.99
C GLY A 78 -16.17 18.20 15.39
N SER A 79 -15.52 17.91 14.27
CA SER A 79 -14.69 18.91 13.59
C SER A 79 -15.50 19.88 12.72
N ASP A 80 -14.95 21.07 12.49
CA ASP A 80 -15.59 22.06 11.63
C ASP A 80 -15.39 21.70 10.18
N LEU A 81 -16.44 21.83 9.39
CA LEU A 81 -16.34 21.58 7.95
C LEU A 81 -15.25 22.45 7.31
N SER A 82 -15.18 23.72 7.69
CA SER A 82 -14.23 24.65 7.08
C SER A 82 -12.76 24.24 7.31
N ASP A 83 -12.54 23.37 8.28
CA ASP A 83 -11.20 22.89 8.63
C ASP A 83 -10.81 21.65 7.81
N TYR A 84 -11.62 21.31 6.80
CA TYR A 84 -11.45 20.02 6.10
C TYR A 84 -10.04 19.67 5.63
N LYS A 85 -9.27 20.64 5.13
CA LYS A 85 -7.92 20.29 4.68
C LYS A 85 -7.08 19.75 5.82
N GLN A 86 -7.13 20.43 6.96
CA GLN A 86 -6.42 19.99 8.16
C GLN A 86 -6.97 18.67 8.70
N THR A 87 -8.29 18.54 8.73
CA THR A 87 -8.91 17.33 9.26
C THR A 87 -8.46 16.11 8.45
N LEU A 88 -8.49 16.24 7.13
CA LEU A 88 -8.13 15.13 6.26
C LEU A 88 -6.66 14.82 6.37
N GLU A 89 -5.84 15.84 6.58
CA GLU A 89 -4.42 15.61 6.74
C GLU A 89 -4.16 14.79 7.99
N LEU A 90 -4.77 15.20 9.10
CA LEU A 90 -4.68 14.49 10.36
C LEU A 90 -5.21 13.06 10.25
N ALA A 91 -6.36 12.90 9.62
CA ALA A 91 -6.93 11.57 9.44
C ALA A 91 -6.07 10.65 8.56
N PHE A 92 -5.64 11.14 7.41
CA PHE A 92 -4.91 10.30 6.46
C PHE A 92 -3.51 9.90 6.94
N LYS A 93 -2.91 10.68 7.83
CA LYS A 93 -1.60 10.31 8.34
C LYS A 93 -1.65 9.09 9.26
N LYS A 94 -2.84 8.68 9.68
CA LYS A 94 -2.97 7.49 10.50
C LYS A 94 -3.06 6.20 9.70
N VAL A 95 -3.06 6.31 8.38
CA VAL A 95 -3.26 5.15 7.50
C VAL A 95 -2.28 5.17 6.32
N MSE A 96 -1.42 4.16 6.22
CA MSE A 96 -0.63 4.00 5.01
C MSE A 96 -1.47 3.24 3.95
O MSE A 96 -2.24 2.36 4.31
CB MSE A 96 0.66 3.23 5.33
CG MSE A 96 1.62 3.06 4.20
SE MSE A 96 2.42 4.78 3.61
CE MSE A 96 2.38 5.81 5.14
N PHE A 97 -1.30 3.59 2.68
CA PHE A 97 -2.04 2.99 1.56
C PHE A 97 -3.54 3.12 1.76
N ASN A 98 -4.31 2.08 1.42
CA ASN A 98 -5.76 2.16 1.49
C ASN A 98 -6.30 3.43 0.84
N SER A 99 -5.82 3.71 -0.37
CA SER A 99 -6.17 4.98 -1.01
C SER A 99 -7.67 5.07 -1.36
N ALA A 100 -8.32 3.95 -1.63
CA ALA A 100 -9.75 4.03 -1.96
C ALA A 100 -10.59 4.43 -0.73
N ALA A 101 -10.19 3.97 0.45
CA ALA A 101 -10.86 4.41 1.68
C ALA A 101 -10.76 5.94 1.81
N LYS A 102 -9.57 6.48 1.51
CA LYS A 102 -9.37 7.94 1.54
C LYS A 102 -10.24 8.64 0.49
N MSE A 103 -10.28 8.06 -0.71
CA MSE A 103 -11.15 8.60 -1.75
C MSE A 103 -12.60 8.78 -1.26
O MSE A 103 -13.19 9.85 -1.43
CB MSE A 103 -11.14 7.69 -2.98
CG MSE A 103 -12.19 8.10 -4.02
SE MSE A 103 -12.29 6.81 -5.46
CE MSE A 103 -13.80 7.59 -6.49
N ALA A 104 -13.16 7.77 -0.62
CA ALA A 104 -14.56 7.86 -0.17
C ALA A 104 -14.80 9.07 0.74
N ILE A 105 -13.90 9.25 1.71
CA ILE A 105 -13.98 10.36 2.66
C ILE A 105 -13.75 11.73 2.00
N ASP A 106 -12.73 11.82 1.15
CA ASP A 106 -12.45 13.06 0.44
C ASP A 106 -13.67 13.49 -0.41
N LEU A 107 -14.25 12.55 -1.15
CA LEU A 107 -15.45 12.85 -1.94
C LEU A 107 -16.64 13.32 -1.09
N ALA A 108 -16.90 12.65 0.03
CA ALA A 108 -18.01 13.07 0.87
C ALA A 108 -17.80 14.50 1.36
N TYR A 109 -16.56 14.85 1.68
CA TYR A 109 -16.28 16.23 2.10
C TYR A 109 -16.60 17.22 0.98
N HIS A 110 -16.21 16.89 -0.23
CA HIS A 110 -16.49 17.80 -1.34
C HIS A 110 -18.00 17.90 -1.63
N ASP A 111 -18.72 16.80 -1.47
CA ASP A 111 -20.19 16.83 -1.57
C ASP A 111 -20.77 17.84 -0.56
N LEU A 112 -20.33 17.73 0.69
CA LEU A 112 -20.76 18.70 1.73
C LEU A 112 -20.43 20.14 1.36
N LEU A 113 -19.19 20.39 0.93
CA LEU A 113 -18.74 21.74 0.62
C LEU A 113 -19.61 22.35 -0.47
N ALA A 114 -19.93 21.55 -1.48
CA ALA A 114 -20.72 22.04 -2.60
C ALA A 114 -22.16 22.26 -2.16
N LYS A 115 -22.70 21.30 -1.43
CA LYS A 115 -24.07 21.43 -0.93
C LYS A 115 -24.24 22.66 -0.03
N GLU A 116 -23.23 22.97 0.78
CA GLU A 116 -23.29 24.16 1.64
C GLU A 116 -23.39 25.46 0.83
N GLN A 117 -22.89 25.44 -0.40
CA GLN A 117 -22.99 26.58 -1.30
C GLN A 117 -24.15 26.46 -2.30
N ASP A 118 -24.92 25.38 -2.19
CA ASP A 118 -26.05 25.13 -3.10
C ASP A 118 -25.64 25.04 -4.57
N ILE A 119 -24.52 24.37 -4.82
CA ILE A 119 -23.99 24.21 -6.18
C ILE A 119 -23.53 22.76 -6.37
N SER A 120 -23.23 22.38 -7.61
CA SER A 120 -22.63 21.06 -7.88
C SER A 120 -21.15 21.01 -7.46
N VAL A 121 -20.62 19.80 -7.27
CA VAL A 121 -19.20 19.68 -6.98
C VAL A 121 -18.36 20.22 -8.16
N ALA A 122 -18.77 19.90 -9.38
CA ALA A 122 -18.08 20.42 -10.55
C ALA A 122 -18.00 21.94 -10.49
N LYS A 123 -19.12 22.59 -10.17
CA LYS A 123 -19.12 24.05 -10.04
C LYS A 123 -18.22 24.51 -8.89
N LEU A 124 -18.29 23.82 -7.75
CA LEU A 124 -17.43 24.13 -6.61
C LEU A 124 -15.97 24.13 -7.01
N LEU A 125 -15.59 23.16 -7.82
CA LEU A 125 -14.19 23.00 -8.21
C LEU A 125 -13.76 23.97 -9.31
N GLY A 126 -14.72 24.71 -9.85
CA GLY A 126 -14.42 25.73 -10.85
C GLY A 126 -14.76 25.34 -12.27
N ALA A 127 -15.42 24.19 -12.46
CA ALA A 127 -15.82 23.80 -13.80
C ALA A 127 -16.98 24.65 -14.31
N LYS A 128 -17.01 24.84 -15.63
CA LYS A 128 -18.04 25.56 -16.38
C LYS A 128 -18.68 24.57 -17.35
N ALA A 129 -17.84 23.96 -18.19
CA ALA A 129 -18.26 22.88 -19.08
C ALA A 129 -18.86 21.66 -18.36
N ASN A 130 -19.88 21.08 -18.97
CA ASN A 130 -20.55 19.89 -18.46
C ASN A 130 -20.26 18.51 -19.06
N SER A 131 -19.37 18.42 -20.04
CA SER A 131 -19.27 17.20 -20.85
C SER A 131 -17.84 16.74 -21.09
N ILE A 132 -17.62 15.43 -21.07
CA ILE A 132 -16.31 14.88 -21.38
C ILE A 132 -16.42 13.61 -22.22
N VAL A 133 -15.51 13.47 -23.19
CA VAL A 133 -15.53 12.29 -24.05
C VAL A 133 -14.71 11.16 -23.44
N THR A 134 -15.27 9.96 -23.43
CA THR A 134 -14.53 8.79 -22.96
C THR A 134 -14.30 7.80 -24.10
N ASP A 135 -13.24 7.00 -23.97
CA ASP A 135 -13.10 5.86 -24.85
C ASP A 135 -14.00 4.75 -24.34
N VAL A 136 -14.04 3.63 -25.06
CA VAL A 136 -14.56 2.40 -24.50
C VAL A 136 -13.39 1.43 -24.40
N SER A 137 -13.33 0.66 -23.33
CA SER A 137 -12.22 -0.28 -23.17
C SER A 137 -12.67 -1.68 -23.54
N ILE A 138 -11.72 -2.45 -24.05
CA ILE A 138 -12.01 -3.77 -24.60
C ILE A 138 -11.26 -4.84 -23.81
N SER A 139 -12.00 -5.82 -23.29
CA SER A 139 -11.41 -6.90 -22.48
C SER A 139 -10.39 -7.69 -23.28
N CYS A 140 -9.40 -8.26 -22.59
CA CYS A 140 -8.48 -9.18 -23.21
C CYS A 140 -9.28 -10.32 -23.82
N GLY A 141 -8.82 -10.84 -24.95
CA GLY A 141 -9.49 -11.95 -25.58
C GLY A 141 -8.73 -12.40 -26.80
N ASN A 142 -9.20 -13.44 -27.48
CA ASN A 142 -8.57 -13.82 -28.73
C ASN A 142 -8.84 -12.73 -29.79
N VAL A 143 -8.04 -12.71 -30.84
CA VAL A 143 -8.16 -11.66 -31.86
C VAL A 143 -9.58 -11.50 -32.40
N ALA A 144 -10.18 -12.60 -32.86
CA ALA A 144 -11.54 -12.53 -33.40
C ALA A 144 -12.52 -11.97 -32.39
N GLU A 145 -12.40 -12.42 -31.15
CA GLU A 145 -13.25 -11.94 -30.07
C GLU A 145 -13.07 -10.44 -29.90
N THR A 146 -11.82 -10.00 -30.02
CA THR A 146 -11.46 -8.62 -29.72
C THR A 146 -11.98 -7.69 -30.82
N ILE A 147 -11.79 -8.11 -32.07
CA ILE A 147 -12.32 -7.35 -33.21
C ILE A 147 -13.82 -7.14 -33.06
N GLN A 148 -14.54 -8.17 -32.64
CA GLN A 148 -15.99 -8.07 -32.46
C GLN A 148 -16.38 -7.09 -31.36
N ASN A 149 -15.67 -7.12 -30.25
CA ASN A 149 -15.92 -6.19 -29.16
C ASN A 149 -15.66 -4.76 -29.57
N ILE A 150 -14.62 -4.56 -30.37
CA ILE A 150 -14.31 -3.24 -30.90
C ILE A 150 -15.41 -2.77 -31.84
N GLN A 151 -15.83 -3.65 -32.75
CA GLN A 151 -16.92 -3.31 -33.64
C GLN A 151 -18.18 -2.92 -32.86
N ASN A 152 -18.48 -3.65 -31.80
CA ASN A 152 -19.60 -3.30 -30.94
C ASN A 152 -19.47 -1.85 -30.44
N GLY A 153 -18.26 -1.49 -30.02
CA GLY A 153 -18.00 -0.16 -29.51
C GLY A 153 -18.14 0.91 -30.58
N VAL A 154 -17.54 0.66 -31.74
CA VAL A 154 -17.68 1.59 -32.86
C VAL A 154 -19.15 1.76 -33.23
N GLU A 155 -19.86 0.65 -33.34
CA GLU A 155 -21.29 0.67 -33.63
C GLU A 155 -22.04 1.45 -32.54
N ALA A 156 -21.47 1.49 -31.34
CA ALA A 156 -22.06 2.20 -30.22
C ALA A 156 -21.66 3.67 -30.23
N ASN A 157 -20.91 4.06 -31.25
CA ASN A 157 -20.49 5.46 -31.45
C ASN A 157 -19.18 5.93 -30.80
N PHE A 158 -18.50 5.06 -30.06
CA PHE A 158 -17.15 5.37 -29.59
C PHE A 158 -16.16 5.46 -30.75
N THR A 159 -15.44 6.56 -30.86
CA THR A 159 -14.29 6.60 -31.75
C THR A 159 -12.91 6.45 -31.12
N ALA A 160 -12.85 6.41 -29.78
CA ALA A 160 -11.59 6.20 -29.08
C ALA A 160 -11.70 4.86 -28.39
N ILE A 161 -10.74 3.99 -28.63
CA ILE A 161 -10.83 2.60 -28.20
C ILE A 161 -9.63 2.20 -27.37
N LYS A 162 -9.88 1.87 -26.11
CA LYS A 162 -8.81 1.35 -25.29
C LYS A 162 -8.75 -0.18 -25.43
N VAL A 163 -7.65 -0.68 -25.96
N VAL A 163 -7.63 -0.65 -25.95
CA VAL A 163 -7.52 -2.11 -26.12
CA VAL A 163 -7.40 -2.07 -26.15
C VAL A 163 -6.53 -2.67 -25.10
C VAL A 163 -6.51 -2.61 -25.03
N LYS A 164 -7.05 -3.50 -24.20
CA LYS A 164 -6.26 -4.11 -23.15
C LYS A 164 -5.27 -5.10 -23.79
N THR A 165 -4.02 -5.05 -23.34
CA THR A 165 -2.98 -5.93 -23.84
C THR A 165 -2.22 -6.46 -22.63
N GLY A 166 -1.15 -7.20 -22.87
CA GLY A 166 -0.26 -7.63 -21.79
C GLY A 166 -0.53 -9.01 -21.23
N ALA A 167 -1.67 -9.60 -21.57
CA ALA A 167 -1.96 -10.97 -21.14
C ALA A 167 -1.28 -12.02 -22.04
N ASP A 168 -1.36 -11.81 -23.34
CA ASP A 168 -0.73 -12.71 -24.32
C ASP A 168 -0.03 -11.83 -25.35
N PHE A 169 1.31 -11.89 -25.40
CA PHE A 169 2.05 -10.93 -26.21
C PHE A 169 1.96 -11.24 -27.70
N ASN A 170 1.97 -12.53 -28.03
CA ASN A 170 1.81 -12.91 -29.42
C ASN A 170 0.45 -12.48 -29.95
N ARG A 171 -0.57 -12.62 -29.12
CA ARG A 171 -1.90 -12.13 -29.47
C ARG A 171 -1.85 -10.62 -29.71
N ASP A 172 -1.24 -9.88 -28.79
CA ASP A 172 -1.09 -8.44 -28.95
C ASP A 172 -0.45 -8.06 -30.29
N ILE A 173 0.60 -8.77 -30.68
CA ILE A 173 1.30 -8.46 -31.93
C ILE A 173 0.43 -8.79 -33.15
N GLN A 174 -0.19 -9.96 -33.12
CA GLN A 174 -1.04 -10.39 -34.23
C GLN A 174 -2.26 -9.47 -34.36
N LEU A 175 -2.78 -9.02 -33.22
CA LEU A 175 -3.95 -8.17 -33.20
C LEU A 175 -3.74 -6.90 -34.02
N LEU A 176 -2.51 -6.40 -34.06
CA LEU A 176 -2.24 -5.16 -34.78
C LEU A 176 -2.53 -5.30 -36.26
N LYS A 177 -2.11 -6.42 -36.84
CA LYS A 177 -2.43 -6.71 -38.23
C LYS A 177 -3.93 -6.66 -38.43
N ALA A 178 -4.67 -7.36 -37.57
CA ALA A 178 -6.13 -7.40 -37.64
C ALA A 178 -6.79 -6.01 -37.50
N LEU A 179 -6.22 -5.16 -36.66
CA LEU A 179 -6.72 -3.79 -36.54
C LEU A 179 -6.49 -3.01 -37.83
N ASP A 180 -5.28 -3.10 -38.35
CA ASP A 180 -4.92 -2.37 -39.56
C ASP A 180 -5.81 -2.75 -40.73
N ASN A 181 -6.27 -4.01 -40.73
CA ASN A 181 -7.17 -4.51 -41.76
C ASN A 181 -8.59 -4.01 -41.63
N GLU A 182 -9.11 -4.04 -40.41
CA GLU A 182 -10.53 -3.78 -40.17
C GLU A 182 -10.90 -2.31 -39.90
N PHE A 183 -9.91 -1.45 -39.63
CA PHE A 183 -10.22 -0.09 -39.17
C PHE A 183 -9.39 1.03 -39.81
N SER A 184 -10.04 2.16 -40.05
CA SER A 184 -9.38 3.36 -40.57
C SER A 184 -8.94 4.30 -39.45
N LYS A 185 -8.35 5.43 -39.82
CA LYS A 185 -7.73 6.34 -38.85
C LYS A 185 -8.73 7.25 -38.17
N ASN A 186 -10.00 7.12 -38.53
CA ASN A 186 -11.05 7.82 -37.78
C ASN A 186 -11.25 7.16 -36.41
N ILE A 187 -10.69 5.95 -36.26
CA ILE A 187 -10.70 5.26 -34.97
C ILE A 187 -9.34 5.39 -34.32
N LYS A 188 -9.26 6.05 -33.17
CA LYS A 188 -8.00 6.18 -32.46
C LYS A 188 -7.86 5.17 -31.32
N PHE A 189 -6.71 4.50 -31.28
CA PHE A 189 -6.49 3.42 -30.31
C PHE A 189 -5.62 3.85 -29.14
N ARG A 190 -5.92 3.30 -27.97
CA ARG A 190 -5.13 3.50 -26.76
C ARG A 190 -4.83 2.11 -26.21
N PHE A 191 -3.55 1.74 -26.18
CA PHE A 191 -3.17 0.42 -25.67
C PHE A 191 -2.77 0.51 -24.20
N ASP A 192 -3.32 -0.41 -23.40
CA ASP A 192 -3.01 -0.47 -21.96
C ASP A 192 -2.60 -1.92 -21.64
N ALA A 193 -1.33 -2.10 -21.33
CA ALA A 193 -0.78 -3.42 -21.06
C ALA A 193 -0.91 -3.84 -19.59
N ASN A 194 -1.40 -2.94 -18.75
CA ASN A 194 -1.50 -3.23 -17.33
C ASN A 194 -0.21 -3.89 -16.83
N GLN A 195 0.94 -3.33 -17.20
CA GLN A 195 2.24 -3.79 -16.69
C GLN A 195 2.73 -5.11 -17.30
N GLY A 196 1.91 -5.70 -18.17
CA GLY A 196 2.14 -7.04 -18.67
C GLY A 196 3.34 -7.32 -19.56
N TRP A 197 4.03 -6.28 -20.03
CA TRP A 197 5.12 -6.45 -20.98
C TRP A 197 6.47 -6.20 -20.32
N ASN A 198 7.52 -6.83 -20.85
CA ASN A 198 8.86 -6.41 -20.49
C ASN A 198 9.34 -5.33 -21.46
N LEU A 199 10.56 -4.85 -21.24
CA LEU A 199 11.10 -3.75 -22.05
C LEU A 199 11.22 -4.13 -23.53
N ALA A 200 11.66 -5.36 -23.78
CA ALA A 200 11.87 -5.83 -25.15
C ALA A 200 10.54 -5.93 -25.89
N GLN A 201 9.55 -6.52 -25.22
CA GLN A 201 8.23 -6.67 -25.81
C GLN A 201 7.60 -5.33 -26.14
N THR A 202 7.76 -4.34 -25.25
CA THR A 202 7.20 -3.01 -25.46
C THR A 202 7.78 -2.35 -26.72
N LYS A 203 9.10 -2.39 -26.87
CA LYS A 203 9.74 -1.79 -28.04
C LYS A 203 9.28 -2.48 -29.32
N GLN A 204 9.09 -3.79 -29.22
CA GLN A 204 8.67 -4.61 -30.34
C GLN A 204 7.26 -4.25 -30.78
N PHE A 205 6.37 -4.08 -29.82
CA PHE A 205 4.98 -3.72 -30.09
C PHE A 205 4.92 -2.35 -30.75
N ILE A 206 5.77 -1.44 -30.28
CA ILE A 206 5.80 -0.09 -30.81
C ILE A 206 6.31 -0.10 -32.26
N GLU A 207 7.40 -0.81 -32.49
CA GLU A 207 7.90 -0.99 -33.85
C GLU A 207 6.82 -1.64 -34.73
N GLU A 208 6.15 -2.65 -34.20
CA GLU A 208 5.09 -3.33 -34.94
C GLU A 208 3.98 -2.35 -35.36
N ILE A 209 3.54 -1.50 -34.43
CA ILE A 209 2.56 -0.47 -34.74
C ILE A 209 2.97 0.33 -35.97
N ASN A 210 4.24 0.71 -36.02
CA ASN A 210 4.75 1.54 -37.11
C ASN A 210 4.82 0.84 -38.47
N LYS A 211 4.61 -0.48 -38.48
CA LYS A 211 4.55 -1.23 -39.73
C LYS A 211 3.20 -1.02 -40.43
N TYR A 212 2.22 -0.57 -39.67
CA TYR A 212 0.89 -0.45 -40.23
C TYR A 212 0.46 1.01 -40.35
N SER A 213 -0.77 1.19 -40.80
CA SER A 213 -1.38 2.49 -40.78
C SER A 213 -2.48 2.40 -39.72
N LEU A 214 -2.24 3.07 -38.60
CA LEU A 214 -3.13 3.05 -37.46
C LEU A 214 -3.01 4.38 -36.74
N ASN A 215 -4.12 4.87 -36.19
CA ASN A 215 -4.06 6.07 -35.37
C ASN A 215 -3.92 5.60 -33.92
N VAL A 216 -2.74 5.80 -33.35
CA VAL A 216 -2.48 5.33 -31.98
C VAL A 216 -2.10 6.51 -31.09
N GLU A 217 -2.98 6.82 -30.16
CA GLU A 217 -2.85 7.99 -29.30
C GLU A 217 -1.91 7.79 -28.10
N ILE A 218 -1.96 6.62 -27.49
CA ILE A 218 -1.13 6.40 -26.30
C ILE A 218 -0.73 4.95 -26.08
N ILE A 219 0.39 4.76 -25.41
CA ILE A 219 0.79 3.46 -24.89
C ILE A 219 0.79 3.59 -23.37
N GLU A 220 -0.03 2.81 -22.68
CA GLU A 220 -0.23 2.99 -21.24
C GLU A 220 0.41 1.89 -20.40
N GLN A 221 1.16 2.30 -19.39
CA GLN A 221 1.79 1.41 -18.40
C GLN A 221 2.25 0.08 -18.97
N PRO A 222 3.17 0.12 -19.94
CA PRO A 222 3.63 -1.12 -20.57
C PRO A 222 4.34 -2.07 -19.60
N VAL A 223 5.04 -1.52 -18.60
CA VAL A 223 5.87 -2.33 -17.72
C VAL A 223 5.48 -2.18 -16.25
N LYS A 224 6.18 -2.91 -15.38
CA LYS A 224 5.95 -2.89 -13.94
C LYS A 224 5.95 -1.47 -13.38
N TYR A 225 5.03 -1.21 -12.44
CA TYR A 225 4.87 0.12 -11.85
C TYR A 225 6.16 0.67 -11.27
N TYR A 226 7.02 -0.22 -10.79
CA TYR A 226 8.23 0.23 -10.13
C TYR A 226 9.42 0.30 -11.08
N ASP A 227 9.28 -0.06 -12.34
CA ASP A 227 10.50 0.02 -13.12
C ASP A 227 10.38 1.34 -13.84
N ILE A 228 10.99 2.33 -13.21
CA ILE A 228 10.93 3.70 -13.66
C ILE A 228 11.98 3.89 -14.75
N LYS A 229 13.09 3.17 -14.60
CA LYS A 229 14.14 3.20 -15.62
C LYS A 229 13.62 2.73 -16.97
N ALA A 230 12.91 1.61 -16.98
CA ALA A 230 12.29 1.12 -18.22
C ALA A 230 11.25 2.10 -18.77
N MSE A 231 10.44 2.68 -17.88
CA MSE A 231 9.45 3.67 -18.32
C MSE A 231 10.13 4.85 -19.00
O MSE A 231 9.68 5.31 -20.05
CB MSE A 231 8.59 4.16 -17.14
CG MSE A 231 7.53 3.16 -16.68
SE MSE A 231 6.12 2.86 -18.02
CE MSE A 231 5.12 4.57 -17.81
N ALA A 232 11.21 5.33 -18.41
CA ALA A 232 11.98 6.43 -18.99
C ALA A 232 12.60 6.05 -20.34
N GLU A 233 13.06 4.82 -20.45
CA GLU A 233 13.67 4.35 -21.69
C GLU A 233 12.61 4.19 -22.78
N ILE A 234 11.46 3.63 -22.42
CA ILE A 234 10.36 3.48 -23.36
C ILE A 234 9.85 4.85 -23.82
N THR A 235 9.73 5.77 -22.87
CA THR A 235 9.29 7.13 -23.17
C THR A 235 10.21 7.79 -24.21
N LYS A 236 11.52 7.63 -24.04
CA LYS A 236 12.48 8.21 -24.97
C LYS A 236 12.43 7.51 -26.34
N PHE A 237 12.33 6.19 -26.29
CA PHE A 237 12.27 5.37 -27.49
C PHE A 237 11.02 5.63 -28.33
N SER A 238 9.90 5.86 -27.67
CA SER A 238 8.60 5.83 -28.35
C SER A 238 8.26 7.10 -29.12
N ASN A 239 7.64 6.92 -30.28
CA ASN A 239 7.07 8.03 -31.04
C ASN A 239 5.59 8.25 -30.69
N ILE A 240 5.11 7.47 -29.72
CA ILE A 240 3.74 7.59 -29.25
C ILE A 240 3.80 7.97 -27.79
N PRO A 241 2.89 8.86 -27.36
CA PRO A 241 2.91 9.28 -25.95
C PRO A 241 2.80 8.10 -25.00
N VAL A 242 3.64 8.09 -23.97
CA VAL A 242 3.65 7.03 -22.97
C VAL A 242 2.96 7.52 -21.70
N VAL A 243 2.03 6.72 -21.19
CA VAL A 243 1.24 7.13 -20.04
C VAL A 243 1.64 6.30 -18.80
N ALA A 244 1.87 6.99 -17.69
CA ALA A 244 2.05 6.32 -16.41
C ALA A 244 0.69 6.18 -15.74
N ASP A 245 0.35 4.95 -15.36
CA ASP A 245 -0.85 4.75 -14.57
C ASP A 245 -0.46 4.22 -13.20
N GLU A 246 -0.14 2.94 -13.12
CA GLU A 246 0.18 2.35 -11.81
C GLU A 246 1.48 2.93 -11.23
N SER A 247 2.33 3.49 -12.07
CA SER A 247 3.54 4.19 -11.61
C SER A 247 3.23 5.50 -10.87
N VAL A 248 2.03 6.06 -11.04
CA VAL A 248 1.66 7.26 -10.28
C VAL A 248 0.33 7.12 -9.57
N PHE A 249 0.40 7.04 -8.24
CA PHE A 249 -0.77 7.08 -7.36
C PHE A 249 -0.94 8.51 -6.90
N ASP A 250 0.10 9.03 -6.26
CA ASP A 250 0.03 10.31 -5.55
C ASP A 250 1.03 11.36 -6.07
N ALA A 251 1.09 12.51 -5.40
CA ALA A 251 1.92 13.62 -5.86
C ALA A 251 3.41 13.25 -5.83
N LYS A 252 3.83 12.54 -4.78
CA LYS A 252 5.24 12.18 -4.68
C LYS A 252 5.65 11.20 -5.78
N ASP A 253 4.71 10.33 -6.19
CA ASP A 253 4.94 9.47 -7.37
C ASP A 253 5.07 10.32 -8.62
N ALA A 254 4.22 11.33 -8.74
CA ALA A 254 4.28 12.22 -9.89
C ALA A 254 5.65 12.93 -9.95
N GLU A 255 6.14 13.39 -8.80
CA GLU A 255 7.46 14.02 -8.74
C GLU A 255 8.55 13.10 -9.27
N ARG A 256 8.46 11.83 -8.91
CA ARG A 256 9.47 10.88 -9.35
C ARG A 256 9.46 10.67 -10.87
N VAL A 257 8.27 10.47 -11.45
CA VAL A 257 8.23 10.24 -12.90
C VAL A 257 8.58 11.50 -13.68
N ILE A 258 8.25 12.66 -13.12
CA ILE A 258 8.65 13.92 -13.74
C ILE A 258 10.18 14.05 -13.69
N ASP A 259 10.75 13.75 -12.54
CA ASP A 259 12.19 13.88 -12.33
C ASP A 259 12.97 12.92 -13.22
N GLU A 260 12.44 11.71 -13.40
CA GLU A 260 13.11 10.69 -14.19
C GLU A 260 12.67 10.66 -15.66
N GLN A 261 11.81 11.60 -16.04
CA GLN A 261 11.30 11.69 -17.41
C GLN A 261 10.70 10.37 -17.86
N ALA A 262 9.88 9.78 -17.00
CA ALA A 262 9.39 8.43 -17.19
C ALA A 262 8.03 8.32 -17.89
N CYS A 263 7.42 9.45 -18.26
CA CYS A 263 6.19 9.41 -19.05
C CYS A 263 5.95 10.74 -19.77
N ASN A 264 5.09 10.73 -20.78
CA ASN A 264 4.59 11.98 -21.35
C ASN A 264 3.29 12.49 -20.75
N MSE A 265 2.58 11.60 -20.05
CA MSE A 265 1.24 11.89 -19.58
C MSE A 265 0.97 11.04 -18.36
O MSE A 265 1.47 9.91 -18.28
CB MSE A 265 0.22 11.58 -20.68
CG MSE A 265 -1.26 11.64 -20.25
SE MSE A 265 -2.49 11.26 -21.74
CE MSE A 265 -3.14 13.08 -21.96
N ILE A 266 0.19 11.55 -17.41
CA ILE A 266 -0.14 10.79 -16.21
C ILE A 266 -1.63 10.47 -16.23
N ASN A 267 -2.00 9.23 -15.89
CA ASN A 267 -3.41 8.90 -15.80
C ASN A 267 -3.83 9.04 -14.35
N ILE A 268 -4.59 10.08 -14.04
CA ILE A 268 -4.99 10.37 -12.66
C ILE A 268 -6.26 9.58 -12.36
N LYS A 269 -6.26 8.83 -11.25
CA LYS A 269 -7.48 8.17 -10.81
C LYS A 269 -7.73 8.49 -9.34
N LEU A 270 -8.96 8.87 -8.99
CA LEU A 270 -9.28 9.20 -7.61
C LEU A 270 -9.06 8.03 -6.64
N ALA A 271 -9.20 6.80 -7.11
CA ALA A 271 -9.02 5.65 -6.22
C ALA A 271 -7.56 5.43 -5.88
N LYS A 272 -6.66 5.89 -6.74
CA LYS A 272 -5.22 5.90 -6.47
C LYS A 272 -4.80 7.10 -5.63
N THR A 273 -5.36 8.27 -5.93
CA THR A 273 -4.94 9.50 -5.27
C THR A 273 -5.46 9.61 -3.85
N GLY A 274 -6.52 8.86 -3.53
CA GLY A 274 -7.23 9.07 -2.29
C GLY A 274 -8.09 10.33 -2.32
N GLY A 275 -8.64 10.62 -3.49
CA GLY A 275 -9.58 11.72 -3.63
C GLY A 275 -9.08 12.97 -4.34
N ILE A 276 -9.93 13.99 -4.33
CA ILE A 276 -9.75 15.16 -5.16
C ILE A 276 -8.57 16.03 -4.71
N LEU A 277 -8.39 16.21 -3.41
CA LEU A 277 -7.29 17.08 -2.94
C LEU A 277 -5.91 16.63 -3.42
N GLU A 278 -5.64 15.34 -3.35
CA GLU A 278 -4.34 14.83 -3.81
C GLU A 278 -4.24 14.85 -5.34
N ALA A 279 -5.36 14.58 -6.01
CA ALA A 279 -5.40 14.65 -7.48
C ALA A 279 -5.07 16.06 -7.99
N GLN A 280 -5.55 17.08 -7.28
CA GLN A 280 -5.27 18.48 -7.67
C GLN A 280 -3.76 18.76 -7.59
N LYS A 281 -3.11 18.19 -6.59
CA LYS A 281 -1.67 18.37 -6.42
C LYS A 281 -0.87 17.74 -7.55
N ILE A 282 -1.30 16.57 -8.00
CA ILE A 282 -0.66 15.94 -9.15
C ILE A 282 -0.82 16.83 -10.38
N LYS A 283 -2.02 17.37 -10.58
CA LYS A 283 -2.27 18.15 -11.78
C LYS A 283 -1.37 19.39 -11.81
N LYS A 284 -1.23 20.04 -10.67
CA LYS A 284 -0.36 21.22 -10.59
C LYS A 284 1.10 20.89 -10.90
N LEU A 285 1.60 19.77 -10.39
CA LEU A 285 2.97 19.35 -10.69
C LEU A 285 3.17 19.02 -12.17
N ALA A 286 2.22 18.29 -12.74
CA ALA A 286 2.31 17.94 -14.15
C ALA A 286 2.31 19.21 -15.00
N ASP A 287 1.37 20.11 -14.70
CA ASP A 287 1.30 21.37 -15.45
C ASP A 287 2.67 22.05 -15.47
N SER A 288 3.29 22.16 -14.30
CA SER A 288 4.58 22.84 -14.18
C SER A 288 5.70 22.15 -14.96
N ALA A 289 5.60 20.84 -15.12
CA ALA A 289 6.63 20.07 -15.81
C ALA A 289 6.35 19.90 -17.29
N GLY A 290 5.23 20.44 -17.75
CA GLY A 290 4.84 20.26 -19.14
C GLY A 290 4.42 18.83 -19.47
N ILE A 291 3.93 18.12 -18.46
CA ILE A 291 3.39 16.76 -18.60
C ILE A 291 1.87 16.85 -18.64
N SER A 292 1.25 16.20 -19.63
CA SER A 292 -0.20 16.20 -19.76
C SER A 292 -0.84 15.21 -18.77
N CYS A 293 -2.12 15.39 -18.46
CA CYS A 293 -2.86 14.44 -17.64
C CYS A 293 -4.13 13.96 -18.35
N MSE A 294 -4.51 12.71 -18.09
CA MSE A 294 -5.80 12.17 -18.50
C MSE A 294 -6.45 11.68 -17.21
O MSE A 294 -5.80 11.61 -16.18
CB MSE A 294 -5.64 11.00 -19.46
CG MSE A 294 -4.90 9.80 -18.86
SE MSE A 294 -4.88 8.29 -20.13
CE MSE A 294 -6.74 7.68 -19.86
N VAL A 295 -7.76 11.38 -17.26
CA VAL A 295 -8.37 10.74 -16.10
C VAL A 295 -8.82 9.33 -16.46
N GLY A 296 -8.88 8.48 -15.43
CA GLY A 296 -9.11 7.06 -15.61
C GLY A 296 -9.85 6.62 -14.37
N CYS A 297 -10.07 5.32 -14.23
CA CYS A 297 -10.85 4.81 -13.12
C CYS A 297 -10.52 3.34 -12.89
N MSE A 298 -11.10 2.76 -11.84
CA MSE A 298 -11.14 1.30 -11.71
C MSE A 298 -12.45 0.89 -12.36
O MSE A 298 -13.19 1.75 -12.86
CB MSE A 298 -11.15 0.90 -10.23
CG MSE A 298 -10.03 1.52 -9.42
SE MSE A 298 -8.27 0.91 -10.14
CE MSE A 298 -7.12 2.37 -9.45
N MSE A 299 -12.83 -0.37 -12.29
CA MSE A 299 -14.12 -0.69 -12.85
C MSE A 299 -14.97 -0.40 -11.63
O MSE A 299 -15.08 -1.20 -10.72
CB MSE A 299 -14.16 -2.18 -13.20
CG MSE A 299 -15.54 -2.74 -13.60
SE MSE A 299 -16.41 -1.73 -15.06
CE MSE A 299 -15.24 -2.13 -16.58
N GLU A 300 -15.67 0.73 -11.69
CA GLU A 300 -16.27 1.26 -10.48
C GLU A 300 -17.63 1.89 -10.75
N SER A 301 -18.29 2.34 -9.68
CA SER A 301 -19.66 2.80 -9.78
C SER A 301 -19.78 4.12 -10.53
N PRO A 302 -20.98 4.40 -11.06
CA PRO A 302 -21.17 5.65 -11.80
C PRO A 302 -20.93 6.84 -10.90
N ALA A 303 -21.08 6.66 -9.60
CA ALA A 303 -20.82 7.74 -8.65
C ALA A 303 -19.35 8.16 -8.69
N GLY A 304 -18.47 7.17 -8.77
CA GLY A 304 -17.03 7.44 -8.92
C GLY A 304 -16.75 8.12 -10.24
N ILE A 305 -17.45 7.69 -11.29
CA ILE A 305 -17.25 8.29 -12.60
C ILE A 305 -17.69 9.75 -12.60
N LEU A 306 -18.82 10.04 -11.95
CA LEU A 306 -19.29 11.42 -11.86
C LEU A 306 -18.26 12.27 -11.12
N ALA A 307 -17.73 11.74 -10.02
CA ALA A 307 -16.75 12.50 -9.26
C ALA A 307 -15.51 12.78 -10.12
N THR A 308 -15.10 11.79 -10.90
CA THR A 308 -13.91 11.94 -11.71
C THR A 308 -14.15 12.91 -12.87
N ALA A 309 -15.30 12.81 -13.51
CA ALA A 309 -15.67 13.76 -14.57
C ALA A 309 -15.71 15.20 -14.03
N SER A 310 -16.22 15.37 -12.81
CA SER A 310 -16.27 16.69 -12.19
C SER A 310 -14.88 17.28 -12.02
N PHE A 311 -13.97 16.46 -11.52
CA PHE A 311 -12.57 16.88 -11.35
C PHE A 311 -11.95 17.23 -12.69
N ALA A 312 -12.12 16.38 -13.69
CA ALA A 312 -11.50 16.60 -14.99
C ALA A 312 -11.98 17.91 -15.59
N LEU A 313 -13.29 18.15 -15.52
CA LEU A 313 -13.88 19.35 -16.10
C LEU A 313 -13.33 20.59 -15.41
N ALA A 314 -13.10 20.49 -14.10
CA ALA A 314 -12.56 21.62 -13.37
C ALA A 314 -11.08 21.85 -13.69
N GLU A 315 -10.38 20.77 -14.07
CA GLU A 315 -8.95 20.82 -14.36
C GLU A 315 -8.55 20.95 -15.83
N ASP A 316 -9.54 21.09 -16.71
CA ASP A 316 -9.28 21.15 -18.15
C ASP A 316 -8.54 19.90 -18.63
N ILE A 317 -8.96 18.74 -18.13
CA ILE A 317 -8.47 17.46 -18.62
C ILE A 317 -9.52 16.90 -19.57
N THR A 318 -9.18 16.82 -20.86
CA THR A 318 -10.11 16.26 -21.85
C THR A 318 -9.98 14.79 -22.26
N VAL A 319 -8.87 14.15 -21.91
CA VAL A 319 -8.64 12.76 -22.29
C VAL A 319 -9.07 11.87 -21.13
N ALA A 320 -9.94 10.92 -21.41
CA ALA A 320 -10.58 10.17 -20.34
C ALA A 320 -10.81 8.70 -20.70
N ASP A 321 -10.48 7.77 -19.80
CA ASP A 321 -11.02 6.44 -19.94
C ASP A 321 -11.93 6.26 -18.73
N LEU A 322 -13.18 6.61 -18.99
CA LEU A 322 -14.36 6.60 -18.10
C LEU A 322 -15.46 5.56 -18.32
N ASP A 323 -15.14 4.56 -19.12
CA ASP A 323 -16.11 3.59 -19.66
C ASP A 323 -17.12 2.83 -18.77
N PRO A 324 -16.81 2.62 -17.48
CA PRO A 324 -17.71 1.76 -16.68
C PRO A 324 -19.20 2.07 -16.85
N LEU A 325 -19.56 3.29 -17.19
CA LEU A 325 -20.98 3.59 -17.47
C LEU A 325 -21.52 2.66 -18.56
N ASP A 326 -20.66 2.25 -19.49
CA ASP A 326 -21.04 1.39 -20.59
C ASP A 326 -21.27 -0.04 -20.13
N TRP A 327 -20.75 -0.38 -18.95
CA TRP A 327 -20.80 -1.75 -18.43
C TRP A 327 -21.95 -1.99 -17.46
N VAL A 328 -22.73 -0.96 -17.18
CA VAL A 328 -23.81 -1.09 -16.21
C VAL A 328 -25.12 -0.53 -16.75
N ALA A 329 -26.22 -0.86 -16.05
CA ALA A 329 -27.55 -0.42 -16.47
C ALA A 329 -27.71 1.09 -16.37
N LYS A 330 -28.30 1.67 -17.41
CA LYS A 330 -28.50 3.12 -17.47
C LYS A 330 -29.25 3.67 -16.26
N ASP A 331 -30.22 2.92 -15.74
CA ASP A 331 -31.09 3.46 -14.70
C ASP A 331 -30.33 3.68 -13.40
N LEU A 332 -29.14 3.09 -13.28
CA LEU A 332 -28.30 3.35 -12.13
C LEU A 332 -27.84 4.81 -12.08
N TYR A 333 -27.32 5.31 -13.20
CA TYR A 333 -26.81 6.67 -13.25
C TYR A 333 -27.69 7.79 -13.86
N SER A 334 -28.85 7.46 -14.39
CA SER A 334 -29.58 8.42 -15.23
C SER A 334 -30.07 9.66 -14.46
N ASP A 335 -30.10 9.57 -13.14
CA ASP A 335 -30.45 10.73 -12.34
C ASP A 335 -29.38 11.83 -12.37
N TYR A 336 -28.10 11.47 -12.22
CA TYR A 336 -27.04 12.47 -12.34
C TYR A 336 -26.22 12.56 -13.64
N ILE A 337 -26.43 11.66 -14.58
CA ILE A 337 -25.60 11.66 -15.78
C ILE A 337 -26.37 11.25 -17.02
N THR A 338 -26.11 11.95 -18.12
CA THR A 338 -26.58 11.53 -19.42
C THR A 338 -25.39 10.94 -20.15
N PHE A 339 -25.44 9.65 -20.46
CA PHE A 339 -24.35 9.10 -21.26
C PHE A 339 -24.94 9.00 -22.65
N ASN A 340 -24.55 9.92 -23.54
CA ASN A 340 -24.87 9.75 -24.94
C ASN A 340 -23.54 9.47 -25.58
N GLU A 341 -23.32 8.20 -25.92
CA GLU A 341 -21.97 7.74 -26.21
C GLU A 341 -21.39 8.50 -27.40
N PRO A 342 -20.09 8.81 -27.35
CA PRO A 342 -19.27 8.62 -26.15
C PRO A 342 -19.19 9.83 -25.22
N ASN A 343 -20.29 10.52 -24.94
CA ASN A 343 -20.18 11.75 -24.15
C ASN A 343 -20.78 11.54 -22.78
N ILE A 344 -19.99 11.84 -21.75
CA ILE A 344 -20.50 11.80 -20.39
C ILE A 344 -20.88 13.23 -20.04
N ILE A 345 -22.17 13.45 -19.78
CA ILE A 345 -22.69 14.79 -19.59
C ILE A 345 -23.37 14.94 -18.25
N LEU A 346 -22.89 15.87 -17.44
CA LEU A 346 -23.47 16.13 -16.14
C LEU A 346 -24.84 16.75 -16.32
N LYS A 347 -25.81 16.29 -15.53
CA LYS A 347 -27.14 16.89 -15.54
C LYS A 347 -27.15 18.27 -14.87
N ASP A 348 -28.09 19.11 -15.29
CA ASP A 348 -28.19 20.49 -14.81
C ASP A 348 -28.61 20.58 -13.34
N ASN A 349 -28.05 21.54 -12.64
CA ASN A 349 -28.60 22.00 -11.36
C ASN A 349 -28.60 20.95 -10.26
N LEU A 350 -27.63 20.05 -10.29
CA LEU A 350 -27.53 19.10 -9.20
C LEU A 350 -26.84 19.75 -8.01
N LYS A 351 -27.22 19.35 -6.81
CA LYS A 351 -26.58 19.89 -5.62
C LYS A 351 -25.56 18.85 -5.13
N GLY A 352 -24.34 19.29 -4.90
CA GLY A 352 -23.25 18.35 -4.63
C GLY A 352 -23.06 17.49 -5.85
N PHE A 353 -22.82 16.19 -5.65
CA PHE A 353 -22.68 15.27 -6.76
C PHE A 353 -24.04 14.97 -7.38
N GLY A 354 -25.04 14.80 -6.53
CA GLY A 354 -26.40 14.59 -6.98
C GLY A 354 -26.91 13.17 -6.79
N PHE A 355 -26.01 12.24 -6.52
CA PHE A 355 -26.43 10.89 -6.10
C PHE A 355 -26.78 10.82 -4.60
N ASN A 356 -27.63 9.85 -4.24
CA ASN A 356 -27.97 9.61 -2.84
C ASN A 356 -28.06 8.11 -2.53
N LEU A 357 -27.98 7.78 -1.25
CA LEU A 357 -27.97 6.40 -0.76
C LEU A 357 -29.34 5.83 -0.33
N ALA A 358 -30.41 6.58 -0.57
CA ALA A 358 -31.72 6.26 -0.01
C ALA A 358 -32.09 4.78 -0.17
N GLU A 359 -31.93 4.23 -1.35
CA GLU A 359 -32.26 2.82 -1.56
C GLU A 359 -31.36 1.89 -0.74
N ASN A 360 -30.07 2.20 -0.68
CA ASN A 360 -29.11 1.38 0.06
C ASN A 360 -29.26 1.47 1.57
N LEU A 361 -29.25 2.69 2.09
CA LEU A 361 -29.35 2.91 3.53
C LEU A 361 -30.77 2.84 4.12
N TYR A 362 -31.72 3.56 3.52
CA TYR A 362 -33.05 3.68 4.09
C TYR A 362 -34.18 2.75 3.61
N PHE A 363 -33.94 2.03 2.51
CA PHE A 363 -34.97 1.14 1.98
C PHE A 363 -34.45 -0.30 1.93
N VAL B 2 3.48 -36.80 -0.20
CA VAL B 2 2.82 -35.60 -0.70
C VAL B 2 1.68 -35.14 0.22
N SER B 3 1.86 -33.97 0.82
CA SER B 3 0.86 -33.40 1.72
C SER B 3 0.16 -32.25 1.01
N LYS B 4 -1.16 -32.18 1.15
CA LYS B 4 -1.92 -31.09 0.56
C LYS B 4 -2.55 -30.22 1.64
N ILE B 5 -2.66 -28.91 1.38
CA ILE B 5 -3.33 -28.04 2.35
C ILE B 5 -4.84 -28.16 2.14
N ILE B 6 -5.53 -28.65 3.17
CA ILE B 6 -6.98 -28.83 3.11
C ILE B 6 -7.86 -27.90 3.93
N ASP B 7 -7.27 -27.04 4.75
CA ASP B 7 -8.10 -26.08 5.46
C ASP B 7 -7.27 -24.86 5.82
N ILE B 8 -7.94 -23.71 5.92
CA ILE B 8 -7.31 -22.47 6.33
C ILE B 8 -8.26 -21.79 7.30
N LYS B 9 -7.78 -21.47 8.49
CA LYS B 9 -8.59 -20.83 9.52
C LYS B 9 -7.83 -19.65 10.12
N THR B 10 -8.54 -18.72 10.73
CA THR B 10 -7.88 -17.59 11.38
C THR B 10 -8.39 -17.33 12.78
N SER B 11 -7.65 -16.51 13.52
CA SER B 11 -8.14 -15.99 14.80
C SER B 11 -7.48 -14.65 15.09
N ILE B 12 -8.26 -13.73 15.65
CA ILE B 12 -7.67 -12.46 16.09
C ILE B 12 -7.00 -12.65 17.44
N ILE B 13 -5.88 -11.96 17.66
CA ILE B 13 -5.22 -11.91 18.96
C ILE B 13 -5.06 -10.47 19.40
N LYS B 14 -5.47 -10.17 20.63
CA LYS B 14 -5.29 -8.84 21.18
C LYS B 14 -4.45 -8.95 22.43
N ILE B 15 -3.36 -8.17 22.50
CA ILE B 15 -2.47 -8.23 23.66
C ILE B 15 -2.26 -6.83 24.23
N PRO B 16 -2.39 -6.69 25.57
CA PRO B 16 -2.15 -5.41 26.22
C PRO B 16 -0.67 -5.16 26.46
N LEU B 17 -0.24 -3.91 26.36
CA LEU B 17 1.16 -3.55 26.63
C LEU B 17 1.29 -3.10 28.09
N LYS B 18 2.44 -3.40 28.70
CA LYS B 18 2.71 -3.02 30.09
C LYS B 18 2.88 -1.52 30.27
N ARG B 19 3.20 -0.83 29.19
CA ARG B 19 3.42 0.61 29.24
C ARG B 19 3.14 1.19 27.86
N THR B 20 2.92 2.49 27.79
CA THR B 20 2.48 3.13 26.55
C THR B 20 3.61 3.28 25.53
N PHE B 21 3.34 2.83 24.31
CA PHE B 21 4.32 2.93 23.22
C PHE B 21 3.99 4.14 22.37
N ILE B 22 4.94 5.07 22.24
CA ILE B 22 4.73 6.30 21.49
C ILE B 22 5.87 6.56 20.53
N THR B 23 5.55 6.77 19.26
CA THR B 23 6.55 7.12 18.26
C THR B 23 6.10 8.40 17.56
N ALA B 24 6.90 8.86 16.61
CA ALA B 24 6.50 10.04 15.82
C ALA B 24 5.21 9.75 15.06
N VAL B 25 4.98 8.48 14.74
CA VAL B 25 3.82 8.06 13.92
C VAL B 25 2.54 7.80 14.70
N ARG B 26 2.66 7.23 15.90
CA ARG B 26 1.45 6.87 16.63
C ARG B 26 1.70 6.58 18.11
N SER B 27 0.61 6.35 18.83
CA SER B 27 0.66 6.00 20.25
C SER B 27 -0.29 4.81 20.46
N THR B 28 0.11 3.83 21.26
CA THR B 28 -0.78 2.70 21.54
C THR B 28 -0.47 2.01 22.86
N ASN B 29 -1.52 1.42 23.45
CA ASN B 29 -1.42 0.51 24.58
C ASN B 29 -1.62 -0.99 24.28
N HIS B 30 -1.74 -1.34 23.01
CA HIS B 30 -2.10 -2.73 22.68
C HIS B 30 -1.54 -3.17 21.33
N ILE B 31 -1.62 -4.48 21.08
CA ILE B 31 -1.27 -5.05 19.79
C ILE B 31 -2.48 -5.81 19.24
N ASP B 32 -2.85 -5.53 17.99
CA ASP B 32 -3.86 -6.29 17.26
C ASP B 32 -3.11 -7.17 16.27
N SER B 33 -3.36 -8.47 16.30
CA SER B 33 -2.74 -9.40 15.34
C SER B 33 -3.75 -10.37 14.78
N LEU B 34 -3.44 -10.93 13.60
CA LEU B 34 -4.23 -12.03 13.07
C LEU B 34 -3.33 -13.26 13.00
N ALA B 35 -3.83 -14.37 13.50
CA ALA B 35 -3.13 -15.66 13.36
C ALA B 35 -3.83 -16.46 12.26
N VAL B 36 -3.04 -17.21 11.49
CA VAL B 36 -3.61 -18.10 10.48
C VAL B 36 -3.16 -19.52 10.74
N GLU B 37 -4.06 -20.46 10.50
CA GLU B 37 -3.78 -21.88 10.65
C GLU B 37 -4.00 -22.62 9.32
N LEU B 38 -2.95 -23.27 8.82
CA LEU B 38 -3.05 -24.13 7.64
C LEU B 38 -3.03 -25.58 8.09
N THR B 39 -4.01 -26.37 7.65
CA THR B 39 -4.09 -27.80 7.98
C THR B 39 -3.77 -28.67 6.77
N LEU B 40 -2.78 -29.56 6.92
CA LEU B 40 -2.44 -30.56 5.92
C LEU B 40 -3.37 -31.77 5.97
N ASP B 41 -3.43 -32.53 4.88
CA ASP B 41 -4.32 -33.69 4.84
C ASP B 41 -3.86 -34.84 5.73
N ASN B 42 -2.65 -34.71 6.27
CA ASN B 42 -2.16 -35.66 7.28
C ASN B 42 -2.41 -35.18 8.71
N GLY B 43 -3.10 -34.06 8.86
CA GLY B 43 -3.49 -33.57 10.17
C GLY B 43 -2.53 -32.57 10.80
N VAL B 44 -1.34 -32.41 10.22
CA VAL B 44 -0.36 -31.47 10.75
C VAL B 44 -0.84 -30.03 10.50
N LYS B 45 -0.62 -29.15 11.46
CA LYS B 45 -1.11 -27.76 11.36
C LYS B 45 0.04 -26.76 11.47
N GLY B 46 0.11 -25.81 10.52
CA GLY B 46 1.08 -24.72 10.57
C GLY B 46 0.48 -23.35 10.87
N TYR B 47 1.28 -22.48 11.49
CA TYR B 47 0.76 -21.20 11.98
C TYR B 47 1.62 -20.02 11.62
N GLY B 48 0.98 -18.88 11.40
CA GLY B 48 1.71 -17.63 11.27
C GLY B 48 0.90 -16.55 11.97
N VAL B 49 1.58 -15.51 12.42
CA VAL B 49 0.92 -14.43 13.17
C VAL B 49 1.51 -13.12 12.67
N ALA B 50 0.65 -12.15 12.34
CA ALA B 50 1.11 -10.88 11.80
C ALA B 50 0.35 -9.71 12.44
N PRO B 51 1.02 -8.55 12.60
CA PRO B 51 0.40 -7.39 13.23
C PRO B 51 -0.44 -6.58 12.27
N ALA B 52 -1.41 -5.84 12.80
CA ALA B 52 -2.09 -4.86 11.96
C ALA B 52 -1.64 -3.49 12.40
N THR B 53 -0.58 -2.97 11.78
CA THR B 53 -0.11 -1.64 12.12
C THR B 53 -0.50 -0.83 10.90
N THR B 54 -1.67 -0.22 10.98
CA THR B 54 -2.30 0.36 9.80
C THR B 54 -1.55 1.60 9.38
N ALA B 55 -0.98 2.32 10.34
CA ALA B 55 -0.25 3.55 10.01
C ALA B 55 1.06 3.30 9.29
N ILE B 56 1.56 2.06 9.34
CA ILE B 56 2.83 1.71 8.71
C ILE B 56 2.69 0.84 7.47
N THR B 57 2.08 -0.33 7.62
CA THR B 57 1.88 -1.24 6.47
C THR B 57 0.51 -1.11 5.82
N GLY B 58 -0.40 -0.35 6.43
CA GLY B 58 -1.76 -0.26 5.92
C GLY B 58 -2.66 -1.46 6.20
N ASP B 59 -2.12 -2.48 6.86
CA ASP B 59 -2.91 -3.66 7.16
C ASP B 59 -3.94 -3.39 8.25
N THR B 60 -5.08 -4.07 8.14
CA THR B 60 -6.12 -4.08 9.18
C THR B 60 -6.49 -5.54 9.44
N LEU B 61 -6.95 -5.84 10.65
CA LEU B 61 -7.41 -7.20 10.91
C LEU B 61 -8.50 -7.62 9.92
N GLN B 62 -9.38 -6.68 9.62
CA GLN B 62 -10.54 -6.98 8.78
C GLN B 62 -10.12 -7.21 7.33
N GLY B 63 -9.19 -6.39 6.85
CA GLY B 63 -8.63 -6.59 5.51
C GLY B 63 -7.84 -7.88 5.43
N MSE B 64 -7.03 -8.16 6.45
CA MSE B 64 -6.25 -9.40 6.48
C MSE B 64 -7.13 -10.65 6.46
O MSE B 64 -6.85 -11.60 5.73
CB MSE B 64 -5.35 -9.43 7.72
CG MSE B 64 -4.33 -8.31 7.72
SE MSE B 64 -3.57 -8.07 9.53
CE MSE B 64 -2.22 -9.39 9.27
N GLN B 65 -8.18 -10.63 7.27
CA GLN B 65 -9.11 -11.76 7.31
C GLN B 65 -9.75 -12.02 5.95
N TYR B 66 -10.21 -10.96 5.29
CA TYR B 66 -10.84 -11.14 3.99
C TYR B 66 -9.83 -11.64 2.95
N ILE B 67 -8.65 -11.05 2.98
CA ILE B 67 -7.63 -11.41 1.99
C ILE B 67 -7.24 -12.87 2.13
N ILE B 68 -7.01 -13.26 3.38
CA ILE B 68 -6.52 -14.62 3.63
C ILE B 68 -7.62 -15.62 3.32
N ARG B 69 -8.83 -15.36 3.81
CA ARG B 69 -9.87 -16.36 3.66
C ARG B 69 -10.57 -16.35 2.28
N GLU B 70 -10.71 -15.18 1.67
CA GLU B 70 -11.39 -15.09 0.37
C GLU B 70 -10.53 -14.95 -0.89
N ILE B 71 -9.29 -14.52 -0.75
CA ILE B 71 -8.42 -14.28 -1.91
C ILE B 71 -7.32 -15.32 -1.99
N PHE B 72 -6.51 -15.42 -0.93
CA PHE B 72 -5.43 -16.40 -0.86
C PHE B 72 -5.93 -17.84 -0.75
N ALA B 73 -6.97 -18.04 0.05
CA ALA B 73 -7.43 -19.39 0.35
C ALA B 73 -7.79 -20.25 -0.88
N PRO B 74 -8.56 -19.69 -1.84
CA PRO B 74 -8.88 -20.49 -3.02
C PRO B 74 -7.65 -20.95 -3.78
N VAL B 75 -6.59 -20.15 -3.77
CA VAL B 75 -5.35 -20.51 -4.42
C VAL B 75 -4.61 -21.61 -3.64
N ILE B 76 -4.60 -21.48 -2.32
CA ILE B 76 -3.84 -22.38 -1.46
C ILE B 76 -4.54 -23.73 -1.31
N LEU B 77 -5.85 -23.71 -1.12
CA LEU B 77 -6.58 -24.93 -0.76
C LEU B 77 -6.48 -25.97 -1.87
N GLY B 78 -6.15 -27.20 -1.48
CA GLY B 78 -6.01 -28.30 -2.42
C GLY B 78 -4.62 -28.42 -3.03
N SER B 79 -3.76 -27.43 -2.79
CA SER B 79 -2.42 -27.42 -3.36
C SER B 79 -1.44 -28.28 -2.55
N ASP B 80 -0.39 -28.78 -3.22
CA ASP B 80 0.68 -29.54 -2.57
C ASP B 80 1.56 -28.61 -1.74
N LEU B 81 1.91 -29.03 -0.53
CA LEU B 81 2.85 -28.27 0.30
C LEU B 81 4.16 -27.99 -0.45
N SER B 82 4.63 -28.94 -1.27
CA SER B 82 5.91 -28.77 -1.95
C SER B 82 5.86 -27.68 -3.05
N ASP B 83 4.65 -27.25 -3.38
CA ASP B 83 4.41 -26.20 -4.38
C ASP B 83 4.31 -24.80 -3.76
N TYR B 84 4.76 -24.67 -2.51
CA TYR B 84 4.59 -23.42 -1.78
C TYR B 84 5.09 -22.17 -2.51
N LYS B 85 6.25 -22.25 -3.16
CA LYS B 85 6.78 -21.06 -3.84
C LYS B 85 5.86 -20.57 -4.94
N GLN B 86 5.41 -21.51 -5.80
CA GLN B 86 4.49 -21.19 -6.89
C GLN B 86 3.15 -20.71 -6.35
N THR B 87 2.67 -21.37 -5.31
CA THR B 87 1.39 -21.00 -4.73
C THR B 87 1.44 -19.58 -4.18
N LEU B 88 2.47 -19.27 -3.39
CA LEU B 88 2.57 -17.94 -2.79
C LEU B 88 2.73 -16.87 -3.85
N GLU B 89 3.50 -17.17 -4.90
CA GLU B 89 3.68 -16.17 -5.95
C GLU B 89 2.34 -15.86 -6.63
N LEU B 90 1.59 -16.90 -6.98
CA LEU B 90 0.30 -16.70 -7.64
C LEU B 90 -0.74 -16.06 -6.71
N ALA B 91 -0.74 -16.43 -5.44
CA ALA B 91 -1.67 -15.81 -4.50
C ALA B 91 -1.34 -14.34 -4.26
N PHE B 92 -0.06 -14.04 -4.02
CA PHE B 92 0.33 -12.67 -3.67
C PHE B 92 0.13 -11.68 -4.81
N LYS B 93 0.20 -12.16 -6.05
CA LYS B 93 -0.06 -11.33 -7.23
C LYS B 93 -1.48 -10.75 -7.26
N LYS B 94 -2.38 -11.33 -6.48
CA LYS B 94 -3.77 -10.89 -6.49
C LYS B 94 -4.04 -9.71 -5.57
N VAL B 95 -3.02 -9.32 -4.81
CA VAL B 95 -3.19 -8.32 -3.76
C VAL B 95 -2.03 -7.35 -3.76
N MSE B 96 -2.33 -6.06 -3.98
CA MSE B 96 -1.31 -5.03 -3.81
C MSE B 96 -1.22 -4.66 -2.33
O MSE B 96 -2.22 -4.64 -1.64
CB MSE B 96 -1.68 -3.79 -4.64
CG MSE B 96 -0.66 -2.67 -4.62
SE MSE B 96 1.03 -3.21 -5.50
CE MSE B 96 0.40 -4.38 -6.80
N PHE B 97 -0.01 -4.36 -1.86
CA PHE B 97 0.25 -4.00 -0.45
C PHE B 97 -0.26 -5.10 0.50
N ASN B 98 -0.83 -4.71 1.63
CA ASN B 98 -1.25 -5.69 2.65
C ASN B 98 -0.14 -6.69 2.96
N SER B 99 1.06 -6.20 3.16
CA SER B 99 2.19 -7.08 3.41
C SER B 99 2.05 -7.96 4.67
N ALA B 100 1.35 -7.47 5.70
CA ALA B 100 1.25 -8.28 6.92
C ALA B 100 0.35 -9.49 6.71
N ALA B 101 -0.70 -9.34 5.90
CA ALA B 101 -1.52 -10.48 5.52
C ALA B 101 -0.64 -11.54 4.86
N LYS B 102 0.25 -11.10 3.97
CA LYS B 102 1.17 -12.01 3.29
C LYS B 102 2.15 -12.66 4.29
N MSE B 103 2.66 -11.86 5.22
CA MSE B 103 3.52 -12.41 6.28
C MSE B 103 2.87 -13.59 6.98
O MSE B 103 3.51 -14.64 7.19
CB MSE B 103 3.87 -11.33 7.32
CG MSE B 103 4.62 -11.92 8.55
SE MSE B 103 4.79 -10.52 9.91
CE MSE B 103 5.62 -11.54 11.37
N ALA B 104 1.60 -13.45 7.35
CA ALA B 104 0.95 -14.52 8.13
C ALA B 104 0.98 -15.83 7.35
N ILE B 105 0.69 -15.75 6.05
CA ILE B 105 0.64 -16.94 5.20
C ILE B 105 2.01 -17.56 4.97
N ASP B 106 3.00 -16.74 4.66
CA ASP B 106 4.37 -17.23 4.46
C ASP B 106 4.89 -17.93 5.72
N LEU B 107 4.63 -17.34 6.89
CA LEU B 107 5.07 -17.98 8.14
C LEU B 107 4.40 -19.34 8.37
N ALA B 108 3.09 -19.43 8.13
CA ALA B 108 2.41 -20.71 8.30
C ALA B 108 3.02 -21.79 7.38
N TYR B 109 3.34 -21.42 6.15
CA TYR B 109 4.00 -22.37 5.24
C TYR B 109 5.37 -22.85 5.75
N HIS B 110 6.15 -21.92 6.29
CA HIS B 110 7.43 -22.32 6.88
C HIS B 110 7.27 -23.22 8.08
N ASP B 111 6.24 -22.95 8.88
CA ASP B 111 5.92 -23.81 10.02
C ASP B 111 5.68 -25.25 9.54
N LEU B 112 4.84 -25.38 8.51
CA LEU B 112 4.56 -26.70 7.90
C LEU B 112 5.82 -27.37 7.36
N LEU B 113 6.62 -26.61 6.61
CA LEU B 113 7.81 -27.15 5.99
C LEU B 113 8.76 -27.72 7.05
N ALA B 114 8.96 -26.98 8.14
CA ALA B 114 9.82 -27.46 9.23
C ALA B 114 9.21 -28.66 9.95
N LYS B 115 7.93 -28.57 10.28
CA LYS B 115 7.25 -29.66 10.98
C LYS B 115 7.31 -30.95 10.17
N GLU B 116 7.11 -30.85 8.87
CA GLU B 116 7.19 -32.03 8.01
C GLU B 116 8.56 -32.70 8.04
N GLN B 117 9.60 -31.93 8.34
CA GLN B 117 10.95 -32.46 8.53
C GLN B 117 11.32 -32.73 10.00
N ASP B 118 10.36 -32.52 10.90
CA ASP B 118 10.56 -32.75 12.32
C ASP B 118 11.72 -31.91 12.87
N ILE B 119 11.82 -30.66 12.42
CA ILE B 119 12.85 -29.73 12.90
C ILE B 119 12.20 -28.36 13.18
N SER B 120 12.94 -27.45 13.82
CA SER B 120 12.46 -26.07 14.00
C SER B 120 12.58 -25.29 12.72
N VAL B 121 11.84 -24.19 12.61
CA VAL B 121 12.01 -23.31 11.46
C VAL B 121 13.45 -22.78 11.39
N ALA B 122 13.99 -22.40 12.54
CA ALA B 122 15.36 -21.88 12.57
C ALA B 122 16.31 -22.89 11.93
N LYS B 123 16.15 -24.16 12.31
CA LYS B 123 16.97 -25.23 11.75
C LYS B 123 16.70 -25.42 10.25
N LEU B 124 15.43 -25.42 9.85
CA LEU B 124 15.07 -25.49 8.43
C LEU B 124 15.81 -24.43 7.62
N LEU B 125 15.87 -23.21 8.16
CA LEU B 125 16.47 -22.09 7.44
C LEU B 125 18.00 -22.12 7.47
N GLY B 126 18.54 -22.98 8.33
CA GLY B 126 19.98 -23.18 8.38
C GLY B 126 20.70 -22.50 9.53
N ALA B 127 19.95 -22.02 10.51
CA ALA B 127 20.55 -21.44 11.69
C ALA B 127 21.48 -22.44 12.40
N LYS B 128 22.58 -21.91 12.91
CA LYS B 128 23.51 -22.61 13.78
C LYS B 128 23.29 -22.13 15.22
N ALA B 129 23.40 -20.81 15.41
CA ALA B 129 23.22 -20.19 16.72
C ALA B 129 21.75 -20.14 17.19
N ASN B 130 21.53 -20.13 18.50
CA ASN B 130 20.18 -19.98 19.06
C ASN B 130 19.87 -18.66 19.79
N SER B 131 20.79 -17.71 19.78
CA SER B 131 20.66 -16.51 20.60
C SER B 131 20.90 -15.23 19.81
N ILE B 132 20.04 -14.24 19.99
CA ILE B 132 20.28 -12.93 19.39
C ILE B 132 20.03 -11.82 20.42
N VAL B 133 20.87 -10.79 20.39
CA VAL B 133 20.74 -9.68 21.32
C VAL B 133 19.86 -8.56 20.77
N THR B 134 18.93 -8.06 21.58
CA THR B 134 18.08 -6.95 21.13
C THR B 134 18.30 -5.71 21.96
N ASP B 135 18.05 -4.55 21.37
CA ASP B 135 17.95 -3.32 22.17
C ASP B 135 16.60 -3.34 22.91
N VAL B 136 16.37 -2.32 23.73
CA VAL B 136 15.01 -1.99 24.12
C VAL B 136 14.74 -0.60 23.55
N SER B 137 13.50 -0.34 23.13
CA SER B 137 13.16 0.95 22.55
C SER B 137 12.39 1.78 23.58
N ILE B 138 12.53 3.10 23.45
CA ILE B 138 12.02 4.06 24.41
C ILE B 138 11.04 5.01 23.75
N SER B 139 9.83 5.10 24.31
CA SER B 139 8.79 5.96 23.75
C SER B 139 9.19 7.43 23.71
N CYS B 140 8.64 8.15 22.74
CA CYS B 140 8.74 9.60 22.74
C CYS B 140 8.11 10.11 24.04
N GLY B 141 8.61 11.24 24.53
CA GLY B 141 8.07 11.86 25.73
C GLY B 141 9.03 12.95 26.18
N ASN B 142 8.71 13.63 27.29
CA ASN B 142 9.59 14.68 27.76
C ASN B 142 10.91 14.11 28.29
N VAL B 143 11.93 14.95 28.35
CA VAL B 143 13.27 14.50 28.69
C VAL B 143 13.31 13.68 29.97
N ALA B 144 12.69 14.20 31.02
CA ALA B 144 12.71 13.53 32.32
C ALA B 144 12.16 12.10 32.23
N GLU B 145 10.97 11.96 31.64
CA GLU B 145 10.33 10.65 31.49
C GLU B 145 11.23 9.74 30.67
N THR B 146 11.85 10.30 29.64
CA THR B 146 12.66 9.54 28.71
C THR B 146 13.90 8.99 29.41
N ILE B 147 14.56 9.84 30.20
CA ILE B 147 15.70 9.37 30.97
C ILE B 147 15.29 8.25 31.92
N GLN B 148 14.12 8.38 32.55
CA GLN B 148 13.62 7.36 33.46
C GLN B 148 13.39 6.02 32.74
N ASN B 149 12.73 6.05 31.59
CA ASN B 149 12.53 4.83 30.81
C ASN B 149 13.85 4.16 30.42
N ILE B 150 14.85 4.97 30.09
CA ILE B 150 16.15 4.42 29.72
C ILE B 150 16.81 3.77 30.92
N GLN B 151 16.77 4.45 32.07
CA GLN B 151 17.30 3.87 33.29
C GLN B 151 16.62 2.53 33.59
N ASN B 152 15.30 2.47 33.43
CA ASN B 152 14.61 1.20 33.61
C ASN B 152 15.19 0.13 32.69
N GLY B 153 15.42 0.49 31.44
CA GLY B 153 15.97 -0.46 30.50
C GLY B 153 17.36 -0.93 30.92
N VAL B 154 18.20 0.02 31.33
CA VAL B 154 19.54 -0.33 31.77
C VAL B 154 19.51 -1.23 33.01
N GLU B 155 18.62 -0.93 33.95
CA GLU B 155 18.46 -1.77 35.13
C GLU B 155 17.98 -3.16 34.76
N ALA B 156 17.33 -3.27 33.61
CA ALA B 156 16.82 -4.56 33.15
C ALA B 156 17.85 -5.33 32.34
N ASN B 157 19.06 -4.78 32.26
CA ASN B 157 20.19 -5.42 31.55
C ASN B 157 20.39 -5.11 30.06
N PHE B 158 19.54 -4.26 29.50
CA PHE B 158 19.75 -3.77 28.13
C PHE B 158 20.89 -2.77 28.11
N THR B 159 21.88 -2.97 27.24
CA THR B 159 22.86 -1.93 26.97
C THR B 159 22.73 -1.23 25.62
N ALA B 160 21.88 -1.74 24.74
CA ALA B 160 21.59 -1.05 23.48
C ALA B 160 20.23 -0.45 23.60
N ILE B 161 20.15 0.87 23.40
CA ILE B 161 18.92 1.61 23.65
C ILE B 161 18.46 2.34 22.39
N LYS B 162 17.27 1.98 21.91
CA LYS B 162 16.70 2.64 20.76
C LYS B 162 15.81 3.76 21.24
N VAL B 163 16.23 4.99 20.92
CA VAL B 163 15.52 6.18 21.37
C VAL B 163 14.65 6.68 20.22
N LYS B 164 13.34 6.67 20.44
CA LYS B 164 12.43 7.22 19.45
C LYS B 164 12.56 8.74 19.43
N THR B 165 12.64 9.31 18.24
CA THR B 165 12.69 10.75 18.04
C THR B 165 11.72 11.14 16.93
N GLY B 166 11.73 12.42 16.53
CA GLY B 166 10.98 12.85 15.37
C GLY B 166 9.61 13.42 15.65
N ALA B 167 9.13 13.28 16.89
CA ALA B 167 7.84 13.86 17.28
C ALA B 167 7.98 15.34 17.63
N ASP B 168 9.06 15.65 18.35
CA ASP B 168 9.33 17.01 18.77
C ASP B 168 10.83 17.26 18.60
N PHE B 169 11.21 18.03 17.59
CA PHE B 169 12.64 18.17 17.28
C PHE B 169 13.38 18.92 18.39
N ASN B 170 12.76 19.97 18.92
CA ASN B 170 13.38 20.71 20.02
C ASN B 170 13.67 19.77 21.20
N ARG B 171 12.72 18.89 21.51
CA ARG B 171 12.92 17.88 22.55
C ARG B 171 14.07 16.93 22.22
N ASP B 172 14.14 16.49 20.96
CA ASP B 172 15.20 15.57 20.55
C ASP B 172 16.59 16.17 20.80
N ILE B 173 16.73 17.45 20.44
CA ILE B 173 18.01 18.14 20.64
C ILE B 173 18.34 18.25 22.13
N GLN B 174 17.35 18.64 22.93
CA GLN B 174 17.55 18.78 24.37
C GLN B 174 17.91 17.44 25.01
N LEU B 175 17.35 16.36 24.49
CA LEU B 175 17.57 15.05 25.08
C LEU B 175 19.04 14.63 25.01
N LEU B 176 19.72 15.00 23.93
CA LEU B 176 21.12 14.63 23.76
C LEU B 176 21.97 15.08 24.94
N LYS B 177 21.68 16.30 25.40
CA LYS B 177 22.36 16.87 26.56
C LYS B 177 22.18 15.96 27.76
N ALA B 178 20.93 15.58 28.01
CA ALA B 178 20.58 14.72 29.14
C ALA B 178 21.22 13.34 29.03
N LEU B 179 21.20 12.76 27.84
CA LEU B 179 21.87 11.47 27.64
C LEU B 179 23.36 11.56 27.99
N ASP B 180 24.02 12.60 27.50
CA ASP B 180 25.46 12.77 27.70
C ASP B 180 25.79 12.86 29.18
N ASN B 181 24.88 13.47 29.93
CA ASN B 181 25.03 13.62 31.37
C ASN B 181 24.78 12.32 32.15
N GLU B 182 23.75 11.58 31.75
CA GLU B 182 23.30 10.38 32.48
C GLU B 182 24.01 9.06 32.23
N PHE B 183 24.51 8.85 31.02
CA PHE B 183 24.97 7.50 30.64
C PHE B 183 26.41 7.44 30.14
N SER B 184 27.06 6.32 30.37
CA SER B 184 28.42 6.10 29.90
C SER B 184 28.41 5.57 28.47
N LYS B 185 29.60 5.35 27.93
CA LYS B 185 29.74 4.86 26.57
C LYS B 185 29.60 3.35 26.49
N ASN B 186 29.34 2.71 27.62
CA ASN B 186 28.97 1.29 27.60
C ASN B 186 27.50 1.11 27.21
N ILE B 187 26.78 2.22 27.12
CA ILE B 187 25.42 2.24 26.57
C ILE B 187 25.50 2.68 25.10
N LYS B 188 24.92 1.89 24.20
CA LYS B 188 24.94 2.24 22.78
C LYS B 188 23.57 2.70 22.35
N PHE B 189 23.50 3.90 21.79
CA PHE B 189 22.24 4.49 21.35
C PHE B 189 21.92 4.30 19.87
N ARG B 190 20.64 4.08 19.59
CA ARG B 190 20.11 3.95 18.24
C ARG B 190 18.95 4.94 18.16
N PHE B 191 19.08 5.96 17.30
CA PHE B 191 17.98 6.92 17.16
C PHE B 191 17.10 6.57 15.97
N ASP B 192 15.78 6.64 16.18
CA ASP B 192 14.82 6.29 15.14
C ASP B 192 13.76 7.38 15.12
N ALA B 193 13.75 8.17 14.05
CA ALA B 193 12.90 9.35 13.95
C ALA B 193 11.54 9.01 13.34
N ASN B 194 11.41 7.79 12.84
CA ASN B 194 10.17 7.39 12.19
C ASN B 194 9.72 8.44 11.18
N GLN B 195 10.67 8.94 10.38
CA GLN B 195 10.37 9.87 9.29
C GLN B 195 10.09 11.32 9.73
N GLY B 196 10.16 11.58 11.03
CA GLY B 196 9.67 12.84 11.58
C GLY B 196 10.50 14.09 11.37
N TRP B 197 11.76 13.93 10.98
CA TRP B 197 12.65 15.08 10.72
C TRP B 197 12.65 15.48 9.25
N ASN B 198 12.92 16.75 8.95
CA ASN B 198 13.33 17.11 7.59
C ASN B 198 14.86 17.03 7.44
N LEU B 199 15.35 17.31 6.24
CA LEU B 199 16.76 17.17 5.93
C LEU B 199 17.65 18.05 6.83
N ALA B 200 17.29 19.32 6.94
CA ALA B 200 18.06 20.27 7.75
C ALA B 200 18.15 19.82 9.20
N GLN B 201 17.02 19.39 9.76
CA GLN B 201 16.96 18.93 11.15
C GLN B 201 17.82 17.70 11.38
N THR B 202 17.79 16.78 10.42
CA THR B 202 18.60 15.57 10.51
C THR B 202 20.09 15.92 10.61
N LYS B 203 20.55 16.77 9.69
CA LYS B 203 21.96 17.19 9.72
C LYS B 203 22.29 17.87 11.05
N GLN B 204 21.38 18.72 11.50
CA GLN B 204 21.56 19.43 12.76
C GLN B 204 21.67 18.47 13.94
N PHE B 205 20.82 17.45 13.97
CA PHE B 205 20.86 16.44 15.03
C PHE B 205 22.19 15.70 15.00
N ILE B 206 22.65 15.34 13.80
CA ILE B 206 23.92 14.67 13.67
C ILE B 206 25.07 15.56 14.14
N GLU B 207 25.07 16.83 13.73
CA GLU B 207 26.08 17.79 14.23
C GLU B 207 26.02 17.89 15.74
N GLU B 208 24.82 17.84 16.29
CA GLU B 208 24.64 18.03 17.72
C GLU B 208 25.22 16.86 18.49
N ILE B 209 24.98 15.64 17.99
CA ILE B 209 25.59 14.45 18.58
C ILE B 209 27.10 14.63 18.68
N ASN B 210 27.69 15.22 17.64
CA ASN B 210 29.14 15.41 17.54
C ASN B 210 29.65 16.35 18.65
N LYS B 211 28.74 17.08 19.28
CA LYS B 211 29.11 18.02 20.34
C LYS B 211 29.22 17.36 21.72
N TYR B 212 28.77 16.11 21.81
CA TYR B 212 28.75 15.39 23.08
C TYR B 212 29.66 14.19 23.02
N SER B 213 29.69 13.39 24.09
CA SER B 213 30.38 12.10 24.01
C SER B 213 29.39 10.98 24.22
N LEU B 214 28.97 10.39 23.11
CA LEU B 214 27.92 9.37 23.14
C LEU B 214 28.38 8.25 22.26
N ASN B 215 27.96 7.04 22.59
CA ASN B 215 28.18 5.92 21.71
C ASN B 215 26.89 5.79 20.89
N VAL B 216 26.93 6.17 19.61
CA VAL B 216 25.73 6.15 18.76
C VAL B 216 26.00 5.22 17.58
N GLU B 217 25.21 4.16 17.52
CA GLU B 217 25.35 3.08 16.55
C GLU B 217 24.67 3.34 15.19
N ILE B 218 23.47 3.92 15.22
CA ILE B 218 22.69 4.12 13.98
C ILE B 218 21.76 5.33 14.06
N ILE B 219 21.50 5.93 12.90
CA ILE B 219 20.44 6.92 12.74
C ILE B 219 19.43 6.27 11.80
N GLU B 220 18.23 6.01 12.30
CA GLU B 220 17.26 5.23 11.53
C GLU B 220 16.13 6.08 10.94
N GLN B 221 15.84 5.85 9.66
CA GLN B 221 14.75 6.51 8.93
C GLN B 221 14.48 7.95 9.38
N PRO B 222 15.47 8.84 9.23
CA PRO B 222 15.27 10.22 9.70
C PRO B 222 14.17 10.99 8.95
N VAL B 223 13.99 10.70 7.66
CA VAL B 223 13.08 11.48 6.81
C VAL B 223 12.00 10.61 6.16
N LYS B 224 11.09 11.24 5.41
CA LYS B 224 9.98 10.52 4.77
C LYS B 224 10.43 9.33 3.93
N TYR B 225 9.64 8.24 3.96
CA TYR B 225 10.03 7.01 3.29
C TYR B 225 10.33 7.20 1.81
N TYR B 226 9.69 8.18 1.19
CA TYR B 226 9.86 8.38 -0.24
C TYR B 226 10.91 9.43 -0.59
N ASP B 227 11.55 10.05 0.39
CA ASP B 227 12.50 11.08 0.00
C ASP B 227 13.85 10.40 -0.01
N ILE B 228 14.15 9.80 -1.15
CA ILE B 228 15.31 8.94 -1.31
C ILE B 228 16.51 9.85 -1.53
N LYS B 229 16.25 10.98 -2.18
CA LYS B 229 17.31 11.99 -2.36
C LYS B 229 17.82 12.50 -1.02
N ALA B 230 16.91 12.85 -0.12
CA ALA B 230 17.35 13.30 1.21
C ALA B 230 18.07 12.16 1.93
N MSE B 231 17.55 10.93 1.81
CA MSE B 231 18.22 9.80 2.45
C MSE B 231 19.65 9.64 1.93
O MSE B 231 20.55 9.36 2.71
CB MSE B 231 17.43 8.50 2.24
CG MSE B 231 16.16 8.39 3.11
SE MSE B 231 16.54 8.15 5.03
CE MSE B 231 17.10 6.25 4.96
N ALA B 232 19.84 9.79 0.63
CA ALA B 232 21.18 9.70 0.05
C ALA B 232 22.08 10.83 0.57
N GLU B 233 21.53 12.04 0.66
CA GLU B 233 22.31 13.18 1.12
C GLU B 233 22.74 12.97 2.57
N ILE B 234 21.82 12.45 3.38
CA ILE B 234 22.08 12.21 4.79
C ILE B 234 23.12 11.10 4.97
N THR B 235 22.99 10.06 4.15
CA THR B 235 23.93 8.95 4.16
C THR B 235 25.35 9.42 3.84
N LYS B 236 25.47 10.30 2.84
CA LYS B 236 26.77 10.86 2.47
C LYS B 236 27.33 11.78 3.56
N PHE B 237 26.44 12.49 4.24
CA PHE B 237 26.81 13.50 5.23
C PHE B 237 27.26 12.87 6.55
N SER B 238 26.56 11.83 6.95
CA SER B 238 26.69 11.24 8.29
C SER B 238 27.92 10.36 8.53
N ASN B 239 28.55 10.54 9.69
CA ASN B 239 29.61 9.64 10.15
C ASN B 239 29.04 8.43 10.91
N ILE B 240 27.71 8.37 10.99
CA ILE B 240 27.04 7.27 11.68
C ILE B 240 26.20 6.55 10.63
N PRO B 241 26.19 5.21 10.68
CA PRO B 241 25.46 4.46 9.65
C PRO B 241 24.00 4.87 9.63
N VAL B 242 23.47 5.09 8.44
CA VAL B 242 22.06 5.49 8.25
C VAL B 242 21.25 4.25 7.87
N VAL B 243 20.14 4.04 8.57
CA VAL B 243 19.32 2.84 8.34
C VAL B 243 18.02 3.19 7.63
N ALA B 244 17.71 2.46 6.55
CA ALA B 244 16.43 2.56 5.90
C ALA B 244 15.46 1.57 6.54
N ASP B 245 14.30 2.06 6.96
CA ASP B 245 13.28 1.16 7.46
C ASP B 245 12.05 1.32 6.56
N GLU B 246 11.24 2.37 6.76
CA GLU B 246 10.04 2.52 5.94
C GLU B 246 10.36 2.70 4.45
N SER B 247 11.57 3.15 4.12
CA SER B 247 12.00 3.27 2.73
C SER B 247 12.20 1.90 2.05
N VAL B 248 12.33 0.83 2.83
CA VAL B 248 12.47 -0.51 2.23
C VAL B 248 11.49 -1.53 2.81
N PHE B 249 10.49 -1.89 2.02
CA PHE B 249 9.57 -3.00 2.34
C PHE B 249 10.07 -4.26 1.68
N ASP B 250 10.25 -4.21 0.36
CA ASP B 250 10.54 -5.40 -0.44
C ASP B 250 11.86 -5.34 -1.23
N ALA B 251 12.13 -6.35 -2.04
CA ALA B 251 13.38 -6.42 -2.80
C ALA B 251 13.53 -5.25 -3.76
N LYS B 252 12.46 -4.86 -4.45
CA LYS B 252 12.58 -3.74 -5.38
C LYS B 252 12.85 -2.40 -4.67
N ASP B 253 12.35 -2.25 -3.44
CA ASP B 253 12.70 -1.07 -2.64
C ASP B 253 14.19 -1.10 -2.32
N ALA B 254 14.67 -2.29 -1.96
CA ALA B 254 16.09 -2.46 -1.64
C ALA B 254 16.94 -2.11 -2.87
N GLU B 255 16.54 -2.58 -4.04
CA GLU B 255 17.27 -2.22 -5.27
C GLU B 255 17.40 -0.71 -5.41
N ARG B 256 16.30 0.00 -5.15
CA ARG B 256 16.31 1.45 -5.30
C ARG B 256 17.24 2.13 -4.31
N VAL B 257 17.19 1.76 -3.04
CA VAL B 257 18.07 2.42 -2.06
C VAL B 257 19.54 2.09 -2.33
N ILE B 258 19.80 0.87 -2.77
CA ILE B 258 21.17 0.48 -3.13
C ILE B 258 21.66 1.31 -4.33
N ASP B 259 20.82 1.38 -5.36
CA ASP B 259 21.15 2.11 -6.58
C ASP B 259 21.42 3.59 -6.29
N GLU B 260 20.63 4.17 -5.39
CA GLU B 260 20.75 5.57 -5.05
C GLU B 260 21.66 5.88 -3.87
N GLN B 261 22.33 4.86 -3.34
CA GLN B 261 23.21 5.04 -2.16
C GLN B 261 22.49 5.76 -1.03
N ALA B 262 21.27 5.31 -0.74
CA ALA B 262 20.38 5.98 0.18
C ALA B 262 20.37 5.44 1.62
N CYS B 263 21.22 4.45 1.92
CA CYS B 263 21.45 4.09 3.30
C CYS B 263 22.73 3.28 3.41
N ASN B 264 23.17 3.04 4.64
CA ASN B 264 24.25 2.09 4.92
C ASN B 264 23.77 0.73 5.40
N MSE B 265 22.51 0.65 5.83
CA MSE B 265 22.00 -0.56 6.44
C MSE B 265 20.49 -0.59 6.21
O MSE B 265 19.85 0.46 6.18
CB MSE B 265 22.30 -0.56 7.95
CG MSE B 265 21.63 -1.67 8.74
SE MSE B 265 22.16 -1.66 10.65
CE MSE B 265 23.28 -3.24 10.58
N ILE B 266 19.95 -1.79 6.05
CA ILE B 266 18.51 -1.97 5.87
C ILE B 266 17.89 -2.66 7.09
N ASN B 267 16.77 -2.14 7.58
CA ASN B 267 16.10 -2.81 8.69
C ASN B 267 15.03 -3.71 8.07
N ILE B 268 15.29 -5.01 8.06
CA ILE B 268 14.36 -5.96 7.45
C ILE B 268 13.28 -6.32 8.47
N LYS B 269 12.01 -6.25 8.07
CA LYS B 269 10.91 -6.68 8.94
C LYS B 269 9.96 -7.57 8.15
N LEU B 270 9.56 -8.68 8.74
CA LEU B 270 8.69 -9.63 8.08
C LEU B 270 7.33 -9.02 7.76
N ALA B 271 6.87 -8.07 8.60
CA ALA B 271 5.57 -7.44 8.35
C ALA B 271 5.60 -6.52 7.13
N LYS B 272 6.79 -6.00 6.79
CA LYS B 272 6.98 -5.23 5.55
C LYS B 272 7.24 -6.13 4.33
N THR B 273 8.03 -7.18 4.51
CA THR B 273 8.45 -8.01 3.37
C THR B 273 7.34 -8.95 2.93
N GLY B 274 6.34 -9.17 3.78
CA GLY B 274 5.35 -10.20 3.52
C GLY B 274 5.89 -11.60 3.77
N GLY B 275 6.79 -11.72 4.74
CA GLY B 275 7.30 -13.03 5.14
C GLY B 275 8.73 -13.33 4.77
N ILE B 276 9.14 -14.56 5.06
CA ILE B 276 10.55 -14.97 4.99
C ILE B 276 11.11 -15.01 3.57
N LEU B 277 10.32 -15.52 2.62
CA LEU B 277 10.79 -15.62 1.24
C LEU B 277 11.29 -14.29 0.68
N GLU B 278 10.51 -13.24 0.84
CA GLU B 278 10.91 -11.92 0.34
C GLU B 278 12.05 -11.33 1.17
N ALA B 279 12.08 -11.60 2.47
CA ALA B 279 13.17 -11.10 3.30
C ALA B 279 14.51 -11.70 2.87
N GLN B 280 14.50 -12.97 2.49
CA GLN B 280 15.71 -13.63 1.96
C GLN B 280 16.24 -12.90 0.74
N LYS B 281 15.33 -12.45 -0.13
CA LYS B 281 15.74 -11.79 -1.37
C LYS B 281 16.41 -10.46 -1.07
N ILE B 282 15.85 -9.73 -0.10
CA ILE B 282 16.48 -8.48 0.32
C ILE B 282 17.88 -8.74 0.85
N LYS B 283 18.03 -9.75 1.70
CA LYS B 283 19.34 -10.03 2.30
C LYS B 283 20.39 -10.32 1.22
N LYS B 284 19.99 -11.08 0.20
CA LYS B 284 20.91 -11.42 -0.89
C LYS B 284 21.35 -10.16 -1.63
N LEU B 285 20.40 -9.28 -1.93
CA LEU B 285 20.73 -8.04 -2.61
C LEU B 285 21.67 -7.17 -1.78
N ALA B 286 21.37 -7.07 -0.49
CA ALA B 286 22.18 -6.26 0.42
C ALA B 286 23.61 -6.79 0.50
N ASP B 287 23.73 -8.11 0.65
CA ASP B 287 25.05 -8.76 0.69
C ASP B 287 25.86 -8.43 -0.57
N SER B 288 25.25 -8.58 -1.74
CA SER B 288 25.93 -8.28 -2.99
C SER B 288 26.37 -6.81 -3.06
N ALA B 289 25.61 -5.92 -2.45
CA ALA B 289 25.92 -4.51 -2.52
C ALA B 289 26.83 -4.03 -1.38
N GLY B 290 27.22 -4.93 -0.48
CA GLY B 290 28.01 -4.51 0.67
C GLY B 290 27.26 -3.64 1.67
N ILE B 291 25.93 -3.74 1.65
CA ILE B 291 25.06 -3.05 2.60
C ILE B 291 24.70 -4.03 3.73
N SER B 292 24.85 -3.60 4.98
CA SER B 292 24.53 -4.48 6.10
C SER B 292 23.02 -4.55 6.37
N CYS B 293 22.56 -5.60 7.04
CA CYS B 293 21.17 -5.67 7.44
C CYS B 293 21.01 -5.84 8.95
N MSE B 294 19.93 -5.28 9.49
CA MSE B 294 19.50 -5.56 10.86
C MSE B 294 18.08 -6.12 10.74
O MSE B 294 17.48 -6.06 9.66
CB MSE B 294 19.49 -4.29 11.72
CG MSE B 294 18.46 -3.25 11.30
SE MSE B 294 18.48 -1.67 12.50
CE MSE B 294 17.28 -2.38 13.90
N VAL B 295 17.56 -6.70 11.82
CA VAL B 295 16.13 -7.04 11.83
C VAL B 295 15.37 -6.21 12.86
N GLY B 296 14.09 -6.01 12.59
CA GLY B 296 13.27 -5.11 13.39
C GLY B 296 11.87 -5.68 13.37
N CYS B 297 10.90 -4.91 13.85
CA CYS B 297 9.56 -5.43 13.97
C CYS B 297 8.58 -4.27 14.09
N MSE B 298 7.29 -4.57 14.09
CA MSE B 298 6.29 -3.60 14.49
C MSE B 298 6.14 -3.85 15.97
O MSE B 298 6.80 -4.74 16.51
CB MSE B 298 4.93 -3.89 13.81
CG MSE B 298 4.98 -3.93 12.28
SE MSE B 298 5.64 -2.19 11.57
CE MSE B 298 6.39 -2.87 9.84
N MSE B 299 5.24 -3.14 16.65
CA MSE B 299 5.02 -3.47 18.06
C MSE B 299 4.04 -4.60 17.86
O MSE B 299 2.86 -4.40 17.57
CB MSE B 299 4.38 -2.29 18.79
CG MSE B 299 3.99 -2.56 20.27
SE MSE B 299 5.46 -3.34 21.37
CE MSE B 299 6.61 -1.77 21.58
N GLU B 300 4.54 -5.83 18.02
CA GLU B 300 3.81 -6.99 17.55
C GLU B 300 4.01 -8.18 18.48
N SER B 301 3.33 -9.27 18.20
CA SER B 301 3.28 -10.35 19.16
C SER B 301 4.60 -11.12 19.16
N PRO B 302 4.90 -11.80 20.27
CA PRO B 302 6.11 -12.60 20.40
C PRO B 302 6.25 -13.62 19.28
N ALA B 303 5.14 -14.05 18.68
CA ALA B 303 5.25 -15.03 17.61
C ALA B 303 5.98 -14.43 16.41
N GLY B 304 5.68 -13.18 16.10
CA GLY B 304 6.40 -12.49 15.03
C GLY B 304 7.86 -12.32 15.39
N ILE B 305 8.12 -12.12 16.67
CA ILE B 305 9.49 -11.96 17.14
C ILE B 305 10.28 -13.27 16.97
N LEU B 306 9.68 -14.39 17.34
CA LEU B 306 10.33 -15.69 17.16
C LEU B 306 10.65 -15.94 15.69
N ALA B 307 9.66 -15.72 14.83
CA ALA B 307 9.86 -15.91 13.40
C ALA B 307 11.00 -15.03 12.88
N THR B 308 11.05 -13.78 13.35
CA THR B 308 12.07 -12.84 12.90
C THR B 308 13.45 -13.25 13.42
N ALA B 309 13.52 -13.66 14.68
CA ALA B 309 14.78 -14.15 15.26
C ALA B 309 15.30 -15.38 14.51
N SER B 310 14.39 -16.28 14.16
CA SER B 310 14.76 -17.48 13.41
C SER B 310 15.42 -17.12 12.08
N PHE B 311 14.81 -16.17 11.36
CA PHE B 311 15.36 -15.68 10.10
C PHE B 311 16.74 -15.04 10.30
N ALA B 312 16.84 -14.16 11.30
CA ALA B 312 18.09 -13.44 11.54
C ALA B 312 19.23 -14.44 11.83
N LEU B 313 18.95 -15.44 12.67
CA LEU B 313 19.96 -16.42 13.03
C LEU B 313 20.43 -17.20 11.80
N ALA B 314 19.50 -17.49 10.90
CA ALA B 314 19.82 -18.23 9.67
C ALA B 314 20.62 -17.38 8.69
N GLU B 315 20.42 -16.07 8.73
CA GLU B 315 21.07 -15.15 7.81
C GLU B 315 22.33 -14.46 8.36
N ASP B 316 22.76 -14.83 9.57
CA ASP B 316 23.91 -14.18 10.20
C ASP B 316 23.65 -12.69 10.43
N ILE B 317 22.43 -12.33 10.77
CA ILE B 317 22.12 -10.96 11.14
C ILE B 317 22.19 -10.85 12.66
N THR B 318 23.10 -10.04 13.17
CA THR B 318 23.24 -9.89 14.62
C THR B 318 22.70 -8.61 15.24
N VAL B 319 22.37 -7.61 14.43
CA VAL B 319 21.82 -6.36 14.97
C VAL B 319 20.30 -6.47 14.96
N ALA B 320 19.66 -6.26 16.10
CA ALA B 320 18.22 -6.53 16.21
C ALA B 320 17.49 -5.51 17.08
N ASP B 321 16.34 -5.02 16.59
CA ASP B 321 15.42 -4.31 17.46
C ASP B 321 14.20 -5.19 17.51
N LEU B 322 14.25 -6.12 18.48
CA LEU B 322 13.25 -7.18 18.76
C LEU B 322 12.49 -7.06 20.09
N ASP B 323 12.45 -5.86 20.63
CA ASP B 323 11.98 -5.54 21.99
C ASP B 323 10.54 -5.85 22.47
N PRO B 324 9.55 -6.02 21.56
CA PRO B 324 8.18 -6.19 22.08
C PRO B 324 8.06 -7.21 23.21
N LEU B 325 8.95 -8.20 23.30
CA LEU B 325 8.89 -9.12 24.42
C LEU B 325 8.94 -8.37 25.74
N ASP B 326 9.65 -7.24 25.76
CA ASP B 326 9.82 -6.48 27.00
C ASP B 326 8.57 -5.69 27.38
N TRP B 327 7.65 -5.55 26.43
CA TRP B 327 6.43 -4.75 26.61
C TRP B 327 5.20 -5.58 26.98
N VAL B 328 5.34 -6.90 27.04
CA VAL B 328 4.19 -7.77 27.23
C VAL B 328 4.47 -8.82 28.30
N ALA B 329 3.43 -9.51 28.74
CA ALA B 329 3.55 -10.55 29.78
C ALA B 329 4.42 -11.72 29.32
N LYS B 330 5.30 -12.18 30.21
CA LYS B 330 6.25 -13.24 29.92
C LYS B 330 5.57 -14.51 29.43
N ASP B 331 4.41 -14.83 30.00
CA ASP B 331 3.74 -16.07 29.65
C ASP B 331 3.32 -16.12 28.20
N LEU B 332 3.28 -14.97 27.53
CA LEU B 332 2.95 -14.97 26.11
C LEU B 332 4.06 -15.60 25.26
N TYR B 333 5.31 -15.44 25.68
CA TYR B 333 6.42 -16.07 24.93
C TYR B 333 7.16 -17.28 25.57
N SER B 334 6.87 -17.62 26.82
CA SER B 334 7.77 -18.54 27.54
C SER B 334 7.65 -19.98 27.04
N ASP B 335 6.61 -20.27 26.29
CA ASP B 335 6.53 -21.56 25.62
C ASP B 335 7.67 -21.78 24.62
N TYR B 336 8.00 -20.75 23.86
CA TYR B 336 9.09 -20.86 22.88
C TYR B 336 10.40 -20.07 23.04
N ILE B 337 10.45 -19.12 23.96
CA ILE B 337 11.62 -18.25 24.06
C ILE B 337 12.02 -18.08 25.50
N THR B 338 13.32 -18.11 25.75
CA THR B 338 13.88 -17.64 26.99
C THR B 338 14.42 -16.26 26.72
N PHE B 339 13.93 -15.26 27.45
CA PHE B 339 14.44 -13.92 27.28
C PHE B 339 15.29 -13.66 28.52
N ASN B 340 16.62 -13.78 28.40
CA ASN B 340 17.47 -13.32 29.49
C ASN B 340 17.97 -12.01 29.00
N GLU B 341 17.32 -10.94 29.45
CA GLU B 341 17.52 -9.66 28.79
C GLU B 341 19.01 -9.32 28.84
N PRO B 342 19.57 -8.82 27.72
CA PRO B 342 18.82 -8.59 26.48
C PRO B 342 18.90 -9.72 25.45
N ASN B 343 18.95 -10.98 25.87
CA ASN B 343 19.15 -12.07 24.92
C ASN B 343 17.89 -12.84 24.63
N ILE B 344 17.52 -12.89 23.36
CA ILE B 344 16.42 -13.72 22.93
C ILE B 344 17.01 -15.09 22.57
N ILE B 345 16.63 -16.10 23.34
CA ILE B 345 17.15 -17.45 23.16
C ILE B 345 16.03 -18.40 22.74
N LEU B 346 16.21 -19.07 21.61
CA LEU B 346 15.22 -20.04 21.16
C LEU B 346 15.28 -21.28 22.04
N LYS B 347 14.12 -21.74 22.49
CA LYS B 347 14.09 -22.98 23.27
C LYS B 347 14.42 -24.16 22.37
N ASP B 348 14.93 -25.24 22.97
CA ASP B 348 15.38 -26.39 22.21
C ASP B 348 14.25 -27.33 21.77
N ASN B 349 14.48 -28.05 20.69
CA ASN B 349 13.66 -29.19 20.28
C ASN B 349 12.23 -28.85 19.89
N LEU B 350 11.98 -27.62 19.48
CA LEU B 350 10.66 -27.25 19.01
C LEU B 350 10.48 -27.70 17.57
N LYS B 351 9.27 -28.10 17.22
CA LYS B 351 8.97 -28.51 15.86
C LYS B 351 8.22 -27.37 15.19
N GLY B 352 8.70 -26.93 14.03
CA GLY B 352 8.15 -25.71 13.44
C GLY B 352 8.62 -24.55 14.30
N PHE B 353 7.77 -23.53 14.47
CA PHE B 353 8.15 -22.42 15.33
C PHE B 353 7.97 -22.84 16.79
N GLY B 354 6.91 -23.60 17.05
CA GLY B 354 6.54 -24.01 18.40
C GLY B 354 5.64 -23.01 19.13
N PHE B 355 4.83 -22.25 18.39
CA PHE B 355 4.01 -21.16 18.94
C PHE B 355 2.97 -21.62 19.96
N ASN B 356 2.45 -22.82 19.76
CA ASN B 356 1.47 -23.38 20.69
C ASN B 356 0.18 -22.54 20.76
N LEU B 357 -0.30 -22.08 19.61
CA LEU B 357 -1.44 -21.13 19.57
C LEU B 357 -2.80 -21.74 19.83
N ALA B 358 -3.03 -22.97 19.36
CA ALA B 358 -4.39 -23.50 19.35
C ALA B 358 -4.91 -23.70 20.78
N GLU B 359 -3.99 -23.83 21.73
CA GLU B 359 -4.37 -24.04 23.12
C GLU B 359 -5.22 -22.90 23.66
N ASN B 360 -4.83 -21.68 23.28
CA ASN B 360 -5.46 -20.43 23.72
C ASN B 360 -6.35 -19.66 22.75
N LEU B 361 -6.51 -20.16 21.52
CA LEU B 361 -7.22 -19.42 20.49
C LEU B 361 -8.14 -20.35 19.73
N TYR B 362 -9.31 -19.83 19.36
CA TYR B 362 -10.29 -20.61 18.64
C TYR B 362 -10.22 -20.24 17.17
N PHE B 363 -9.70 -21.15 16.34
CA PHE B 363 -9.54 -20.88 14.92
C PHE B 363 -10.82 -21.20 14.15
N GLN B 364 -11.16 -20.35 13.18
CA GLN B 364 -12.39 -20.49 12.40
C GLN B 364 -12.11 -20.23 10.91
N SER B 365 -12.77 -20.99 10.03
CA SER B 365 -12.61 -20.81 8.58
C SER B 365 -13.56 -19.74 8.03
N ALA C . -11.37 1.22 -18.55
CA ALA C . -11.25 1.22 -17.09
C ALA C . -10.04 0.45 -16.61
O ALA C . -9.51 -0.42 -17.32
CB ALA C . -12.50 0.64 -16.46
N GLU D . -9.60 0.80 -15.40
CA GLU D . -8.73 -0.04 -14.57
C GLU D . -7.48 -0.50 -15.29
O GLU D . -6.71 0.33 -15.81
CB GLU D . -9.52 -1.25 -14.07
CG GLU D . -9.16 -1.70 -12.67
CD GLU D . -10.05 -2.83 -12.19
OE1 GLU D . -9.71 -4.00 -12.48
OE2 GLU D . -11.08 -2.56 -11.52
OXT GLU D . -7.18 -1.69 -15.36
S SO4 E . -22.02 2.42 10.07
O1 SO4 E . -20.75 2.90 9.55
O2 SO4 E . -23.13 2.93 9.27
O3 SO4 E . -22.03 0.96 10.01
O4 SO4 E . -22.19 2.85 11.46
S SO4 F . -18.14 -12.33 -10.49
O1 SO4 F . -16.86 -12.49 -9.79
O2 SO4 F . -18.34 -10.91 -10.79
O3 SO4 F . -18.11 -13.09 -11.72
O4 SO4 F . -19.23 -12.81 -9.64
C1 GOL G . 1.94 3.47 -5.17
O1 GOL G . 2.63 2.30 -5.54
C2 GOL G . 2.77 4.34 -4.24
O2 GOL G . 2.19 5.62 -4.22
C3 GOL G . 2.77 3.79 -2.81
O3 GOL G . 3.54 4.63 -1.94
C1 GOL H . -30.32 -0.46 -19.13
O1 GOL H . -30.74 -1.77 -18.90
C2 GOL H . -29.10 -0.49 -20.04
O2 GOL H . -29.20 -1.60 -20.91
C3 GOL H . -29.06 0.79 -20.87
O3 GOL H . -27.78 0.94 -21.44
N ALA I . 11.05 -1.24 18.74
CA ALA I . 10.09 -1.66 17.75
C ALA I . 9.73 -0.47 16.94
O ALA I . 9.92 0.67 17.37
CB ALA I . 8.84 -2.13 18.43
N DGL J . 9.15 -0.63 15.66
CA DGL J . 8.84 0.60 15.00
C DGL J . 9.94 1.00 14.08
O DGL J . 9.75 1.94 13.29
CB DGL J . 7.48 0.47 14.40
CG DGL J . 6.46 0.00 15.39
CD DGL J . 4.99 0.25 15.23
OE1 DGL J . 4.17 -0.69 15.42
OE2 DGL J . 4.54 1.41 14.95
OXT DGL J . 11.09 0.43 14.10
S SO4 K . -5.08 2.12 23.21
O1 SO4 K . -4.37 3.26 23.78
O2 SO4 K . -5.77 2.57 22.00
O3 SO4 K . -4.13 1.05 22.91
O4 SO4 K . -6.04 1.58 24.16
S SO4 L . 2.44 -25.86 17.74
O1 SO4 L . 3.60 -25.59 18.57
O2 SO4 L . 2.34 -24.78 16.75
O3 SO4 L . 2.61 -27.11 17.02
O4 SO4 L . 1.22 -25.90 18.54
S SO4 M . 5.22 -10.55 33.63
O1 SO4 M . 5.95 -10.55 32.37
O2 SO4 M . 5.06 -9.18 34.10
O3 SO4 M . 3.89 -11.14 33.43
O4 SO4 M . 5.97 -11.33 34.60
S SO4 N . -2.47 7.91 17.39
O1 SO4 N . -1.66 8.96 16.76
O2 SO4 N . -2.98 8.40 18.67
O3 SO4 N . -3.59 7.55 16.53
O4 SO4 N . -1.64 6.74 17.62
C1 GOL O . 6.38 0.54 0.36
O1 GOL O . 6.37 1.94 0.47
C2 GOL O . 6.57 0.14 -1.10
O2 GOL O . 7.23 -1.10 -1.08
C3 GOL O . 5.21 -0.02 -1.82
O3 GOL O . 5.36 -0.61 -3.11
C1 GOL P . 0.26 -14.09 21.82
O1 GOL P . -0.92 -14.70 22.31
C2 GOL P . 0.99 -15.10 20.95
O2 GOL P . 1.68 -14.43 19.91
C3 GOL P . 1.97 -15.87 21.83
O3 GOL P . 2.28 -17.10 21.23
#